data_3MFF
#
_entry.id   3MFF
#
_cell.length_a   87.323
_cell.length_b   74.016
_cell.length_c   94.267
_cell.angle_alpha   90.00
_cell.angle_beta   91.59
_cell.angle_gamma   90.00
#
_symmetry.space_group_name_H-M   'P 1 21 1'
#
loop_
_entity.id
_entity.type
_entity.pdbx_description
1 polymer 'T cell receptor alpha chain'
2 polymer 'T cell receptor beta chain'
3 non-polymer GLYCEROL
4 non-polymer UREA
5 non-polymer ARGININE
6 water water
#
loop_
_entity_poly.entity_id
_entity_poly.type
_entity_poly.pdbx_seq_one_letter_code
_entity_poly.pdbx_strand_id
1 'polypeptide(L)'
;QVRQSPQSLTVWEGETTILNCSYENSAFDYFPWYQQFPGEGPALLIAIRSVSDKKEDGRFTIFFNKREKKLSLHITDSQP
GDSATYFCAATGANTGKLTFGHGTILRVHPNIQNPDPAVYQLRDSKSSDKSVCLFTDFDSQTNVSQSKDSDVYITDATVL
DMRSMDFKSNSAVAWSNKSDFACANAFNNSIIPEDTFFPS
;
A,C
2 'polypeptide(L)'
;MKVTQMPRYLIKRMGENVLLECGQDMSHETMYWYRQDPGLGLQLIYISYDVDSNSEGDIPKGYRVSRKKREHFSLILDSA
KTNQTSVYFCASSLAGTGNYEQYFGPGTRLTVTEDLKNVFPPEVAVFEPSEAEISHTQKATLVCLATGFYPDHVELSWWV
NGKEVHSGVSTDPQPLKEQPALNDSRYSLSSRLRVSATFWQNPRNHFRCQVQFYGLSENDEWTQDRAKPVTQIVSAEAWG
RS
;
B,D
#
loop_
_chem_comp.id
_chem_comp.type
_chem_comp.name
_chem_comp.formula
GOL non-polymer GLYCEROL 'C3 H8 O3'
URE non-polymer UREA 'C H4 N2 O'
#
# COMPACT_ATOMS: atom_id res chain seq x y z
N GLN A 1 11.88 -23.78 35.77
CA GLN A 1 11.31 -22.44 35.42
C GLN A 1 12.14 -21.77 34.33
N VAL A 2 11.42 -21.34 33.29
CA VAL A 2 11.95 -20.44 32.28
C VAL A 2 11.10 -19.19 32.39
N ARG A 3 11.75 -18.04 32.54
CA ARG A 3 11.05 -16.76 32.72
C ARG A 3 11.37 -15.78 31.60
N GLN A 4 10.33 -15.22 30.99
CA GLN A 4 10.53 -14.23 29.93
C GLN A 4 10.07 -12.84 30.37
N SER A 5 10.64 -11.80 29.79
CA SER A 5 10.14 -10.45 29.97
C SER A 5 10.38 -9.62 28.73
N PRO A 6 9.50 -8.63 28.46
CA PRO A 6 8.22 -8.36 29.13
C PRO A 6 7.09 -9.33 28.69
N GLN A 7 5.95 -9.29 29.38
CA GLN A 7 4.76 -10.05 28.98
C GLN A 7 4.28 -9.68 27.56
N SER A 8 4.47 -8.42 27.20
CA SER A 8 4.09 -7.90 25.89
C SER A 8 4.84 -6.61 25.61
N LEU A 9 4.98 -6.30 24.34
CA LEU A 9 5.83 -5.22 23.88
C LEU A 9 5.25 -4.74 22.55
N THR A 10 5.23 -3.42 22.38
CA THR A 10 4.77 -2.79 21.14
C THR A 10 5.92 -1.96 20.60
N VAL A 11 6.19 -2.15 19.31
CA VAL A 11 7.36 -1.62 18.64
C VAL A 11 6.94 -1.01 17.28
N TRP A 12 7.81 -0.17 16.72
CA TRP A 12 7.58 0.37 15.37
C TRP A 12 8.40 -0.38 14.37
N GLU A 13 7.84 -0.58 13.18
CA GLU A 13 8.60 -1.13 12.04
C GLU A 13 9.93 -0.43 11.96
N GLY A 14 10.99 -1.21 11.80
CA GLY A 14 12.35 -0.68 11.71
C GLY A 14 13.16 -0.84 12.99
N GLU A 15 12.47 -0.82 14.14
CA GLU A 15 13.17 -0.84 15.44
C GLU A 15 13.74 -2.21 15.75
N THR A 16 14.70 -2.25 16.66
CA THR A 16 15.22 -3.51 17.18
C THR A 16 14.37 -3.97 18.35
N THR A 17 13.85 -5.19 18.24
CA THR A 17 13.12 -5.81 19.32
C THR A 17 14.10 -6.66 20.11
N ILE A 18 14.04 -6.56 21.44
CA ILE A 18 14.86 -7.40 22.31
C ILE A 18 13.92 -8.13 23.26
N LEU A 19 14.00 -9.45 23.24
CA LEU A 19 13.14 -10.30 24.05
C LEU A 19 14.00 -11.06 25.07
N ASN A 20 13.70 -10.87 26.35
CA ASN A 20 14.50 -11.43 27.42
C ASN A 20 13.96 -12.75 27.98
N CYS A 21 14.89 -13.61 28.42
CA CYS A 21 14.60 -14.92 28.99
C CYS A 21 15.66 -15.24 30.06
N SER A 22 15.29 -16.04 31.05
CA SER A 22 16.19 -16.52 32.11
C SER A 22 15.69 -17.86 32.62
N TYR A 23 16.60 -18.67 33.16
CA TYR A 23 16.25 -20.02 33.60
C TYR A 23 16.96 -20.41 34.91
N GLU A 24 16.28 -21.17 35.76
CA GLU A 24 16.80 -21.61 37.06
C GLU A 24 17.65 -22.91 37.08
N ASN A 25 17.41 -23.77 36.08
CA ASN A 25 18.02 -25.08 36.05
C ASN A 25 19.31 -24.99 35.26
N SER A 26 20.45 -25.12 35.93
CA SER A 26 21.74 -25.01 35.23
C SER A 26 22.08 -26.29 34.43
N ALA A 27 21.13 -27.23 34.38
CA ALA A 27 21.27 -28.45 33.62
C ALA A 27 20.60 -28.33 32.25
N PHE A 28 19.99 -27.16 31.98
CA PHE A 28 19.49 -26.86 30.64
C PHE A 28 20.68 -26.67 29.70
N ASP A 29 20.59 -27.20 28.50
CA ASP A 29 21.70 -27.11 27.55
C ASP A 29 21.26 -26.82 26.11
N TYR A 30 19.94 -26.67 25.92
CA TYR A 30 19.37 -26.44 24.60
C TYR A 30 18.20 -25.47 24.75
N PHE A 31 18.19 -24.42 23.94
CA PHE A 31 17.24 -23.32 24.11
C PHE A 31 16.62 -22.90 22.79
N PRO A 32 15.51 -23.55 22.38
CA PRO A 32 14.81 -23.11 21.17
C PRO A 32 13.75 -22.05 21.47
N TRP A 33 13.55 -21.15 20.50
CA TRP A 33 12.49 -20.16 20.53
C TRP A 33 11.44 -20.54 19.52
N TYR A 34 10.17 -20.52 19.95
CA TYR A 34 9.03 -20.81 19.11
C TYR A 34 8.24 -19.52 18.81
N GLN A 35 7.83 -19.37 17.56
CA GLN A 35 7.09 -18.19 17.10
C GLN A 35 5.65 -18.59 16.75
N GLN A 36 4.69 -17.87 17.34
CA GLN A 36 3.27 -18.17 17.16
C GLN A 36 2.53 -16.98 16.60
N PHE A 37 2.16 -17.06 15.32
CA PHE A 37 1.37 -16.01 14.70
C PHE A 37 -0.09 -16.13 15.14
N PRO A 38 -0.85 -15.01 15.09
CA PRO A 38 -2.25 -15.03 15.50
C PRO A 38 -3.09 -16.07 14.75
N GLY A 39 -3.90 -16.81 15.52
CA GLY A 39 -4.75 -17.86 14.95
C GLY A 39 -4.02 -19.09 14.46
N GLU A 40 -2.72 -19.18 14.74
CA GLU A 40 -1.91 -20.33 14.35
C GLU A 40 -1.27 -21.02 15.54
N GLY A 41 -0.75 -22.23 15.32
CA GLY A 41 0.08 -22.93 16.31
C GLY A 41 1.51 -22.42 16.34
N PRO A 42 2.22 -22.60 17.48
CA PRO A 42 3.62 -22.18 17.57
C PRO A 42 4.50 -22.92 16.57
N ALA A 43 5.61 -22.30 16.19
CA ALA A 43 6.54 -22.93 15.24
C ALA A 43 7.98 -22.64 15.65
N LEU A 44 8.85 -23.65 15.57
CA LEU A 44 10.28 -23.47 15.87
C LEU A 44 10.91 -22.39 14.99
N LEU A 45 11.55 -21.41 15.61
CA LEU A 45 12.10 -20.26 14.88
C LEU A 45 13.64 -20.30 14.80
N ILE A 46 14.27 -20.59 15.93
CA ILE A 46 15.71 -20.50 16.09
C ILE A 46 16.05 -21.07 17.45
N ALA A 47 17.20 -21.72 17.52
CA ALA A 47 17.65 -22.42 18.71
C ALA A 47 19.14 -22.23 18.85
N ILE A 48 19.61 -22.33 20.09
CA ILE A 48 21.04 -22.29 20.43
C ILE A 48 21.33 -23.36 21.47
N ARG A 49 22.60 -23.79 21.52
CA ARG A 49 23.08 -24.75 22.51
C ARG A 49 23.88 -24.03 23.60
N SER A 50 23.81 -24.57 24.82
CA SER A 50 24.61 -24.16 25.98
C SER A 50 26.09 -23.88 25.68
N VAL A 51 26.66 -24.64 24.74
CA VAL A 51 28.07 -24.54 24.39
C VAL A 51 28.41 -23.27 23.57
N SER A 52 27.39 -22.50 23.22
CA SER A 52 27.51 -21.35 22.31
C SER A 52 26.93 -20.08 22.94
N ASP A 53 27.55 -18.92 22.69
CA ASP A 53 27.06 -17.65 23.25
C ASP A 53 26.24 -16.74 22.31
N LYS A 54 26.25 -17.05 21.01
CA LYS A 54 25.55 -16.25 20.00
C LYS A 54 25.07 -17.12 18.83
N LYS A 55 23.79 -17.03 18.51
CA LYS A 55 23.23 -17.71 17.33
C LYS A 55 22.57 -16.69 16.41
N GLU A 56 23.00 -16.67 15.15
CA GLU A 56 22.48 -15.72 14.15
C GLU A 56 21.77 -16.42 13.00
N ASP A 57 20.61 -15.89 12.63
CA ASP A 57 19.84 -16.37 11.48
C ASP A 57 19.08 -15.17 10.90
N GLY A 58 19.77 -14.44 10.01
CA GLY A 58 19.22 -13.27 9.37
C GLY A 58 18.92 -12.17 10.36
N ARG A 59 17.63 -11.80 10.44
CA ARG A 59 17.21 -10.70 11.29
C ARG A 59 17.10 -11.11 12.77
N PHE A 60 17.14 -12.41 13.02
CA PHE A 60 17.00 -13.01 14.35
C PHE A 60 18.35 -13.44 14.94
N THR A 61 18.61 -13.01 16.18
CA THR A 61 19.82 -13.38 16.90
C THR A 61 19.59 -13.66 18.40
N ILE A 62 19.95 -14.87 18.82
CA ILE A 62 19.99 -15.22 20.23
C ILE A 62 21.39 -14.96 20.78
N PHE A 63 21.45 -14.11 21.80
CA PHE A 63 22.66 -13.97 22.61
C PHE A 63 22.39 -14.78 23.85
N PHE A 64 23.41 -15.54 24.28
CA PHE A 64 23.30 -16.46 25.41
C PHE A 64 24.42 -16.23 26.42
N ASN A 65 24.03 -15.99 27.68
CA ASN A 65 24.99 -15.81 28.75
C ASN A 65 24.80 -16.92 29.79
N LYS A 66 25.72 -17.91 29.72
CA LYS A 66 25.58 -19.10 30.53
C LYS A 66 25.54 -18.74 32.03
N ARG A 67 26.58 -17.99 32.47
CA ARG A 67 26.81 -17.60 33.89
C ARG A 67 25.59 -17.04 34.60
N GLU A 68 25.04 -15.83 34.05
CA GLU A 68 23.83 -15.29 34.70
C GLU A 68 22.53 -16.03 34.31
N LYS A 69 22.70 -17.15 33.58
CA LYS A 69 21.57 -17.95 33.07
C LYS A 69 20.50 -17.05 32.44
N LYS A 70 20.94 -16.35 31.40
CA LYS A 70 20.15 -15.37 30.72
C LYS A 70 20.45 -15.52 29.24
N LEU A 71 19.42 -15.28 28.43
CA LEU A 71 19.58 -15.21 26.99
C LEU A 71 18.55 -14.24 26.47
N SER A 72 18.76 -13.75 25.25
CA SER A 72 17.77 -12.89 24.63
C SER A 72 17.70 -13.05 23.12
N LEU A 73 16.49 -12.94 22.60
CA LEU A 73 16.28 -12.90 21.15
C LEU A 73 16.18 -11.44 20.69
N HIS A 74 17.04 -11.08 19.74
CA HIS A 74 17.00 -9.77 19.10
C HIS A 74 16.40 -9.95 17.72
N ILE A 75 15.51 -9.05 17.35
CA ILE A 75 15.02 -8.96 15.97
C ILE A 75 15.37 -7.56 15.49
N THR A 76 16.41 -7.46 14.65
CA THR A 76 16.75 -6.18 14.03
C THR A 76 15.77 -5.91 12.88
N ASP A 77 15.41 -4.65 12.69
CA ASP A 77 14.59 -4.20 11.56
C ASP A 77 13.18 -4.79 11.61
N SER A 78 12.57 -4.73 12.78
CA SER A 78 11.29 -5.38 13.02
C SER A 78 10.25 -5.10 11.93
N GLN A 79 9.52 -6.14 11.55
CA GLN A 79 8.53 -6.06 10.48
C GLN A 79 7.14 -6.29 11.05
N PRO A 80 6.12 -5.65 10.47
CA PRO A 80 4.74 -5.94 10.93
C PRO A 80 4.44 -7.45 11.01
N GLY A 81 4.97 -8.22 10.07
CA GLY A 81 4.79 -9.69 10.01
C GLY A 81 5.51 -10.48 11.09
N ASP A 82 6.29 -9.77 11.90
CA ASP A 82 6.96 -10.37 13.03
C ASP A 82 6.03 -10.34 14.22
N SER A 83 4.88 -9.67 14.11
CA SER A 83 3.92 -9.61 15.22
C SER A 83 3.50 -11.04 15.58
N ALA A 84 3.82 -11.45 16.80
CA ALA A 84 3.57 -12.82 17.21
C ALA A 84 3.83 -12.95 18.69
N THR A 85 3.52 -14.11 19.26
CA THR A 85 3.96 -14.46 20.62
C THR A 85 5.26 -15.25 20.46
N TYR A 86 6.27 -14.89 21.25
CA TYR A 86 7.57 -15.56 21.20
C TYR A 86 7.79 -16.35 22.49
N PHE A 87 7.95 -17.66 22.36
CA PHE A 87 8.25 -18.55 23.49
C PHE A 87 9.72 -18.97 23.52
N CYS A 88 10.37 -18.73 24.65
CA CYS A 88 11.69 -19.26 25.00
C CYS A 88 11.46 -20.58 25.72
N ALA A 89 12.18 -21.61 25.29
CA ALA A 89 12.02 -22.96 25.82
C ALA A 89 13.40 -23.48 26.16
N ALA A 90 13.49 -24.45 27.07
CA ALA A 90 14.78 -25.01 27.44
C ALA A 90 14.68 -26.48 27.78
N THR A 91 15.76 -27.21 27.51
CA THR A 91 15.88 -28.61 27.94
C THR A 91 17.36 -28.98 28.13
N GLY A 92 17.63 -29.96 28.98
CA GLY A 92 18.98 -30.48 29.18
C GLY A 92 18.99 -31.99 28.99
N ALA A 93 20.19 -32.57 28.92
CA ALA A 93 20.35 -34.04 28.90
C ALA A 93 19.50 -34.70 30.00
N ASN A 94 19.55 -34.12 31.19
CA ASN A 94 18.87 -34.68 32.35
C ASN A 94 17.55 -34.00 32.80
N THR A 95 16.90 -33.24 31.90
CA THR A 95 15.52 -32.76 32.14
C THR A 95 14.55 -33.30 31.08
N GLY A 96 13.48 -33.96 31.52
CA GLY A 96 12.48 -34.51 30.62
C GLY A 96 11.69 -33.45 29.87
N LYS A 97 11.15 -33.85 28.71
CA LYS A 97 10.28 -33.03 27.84
C LYS A 97 10.94 -31.73 27.33
N LEU A 98 10.18 -30.66 27.20
CA LEU A 98 10.70 -29.35 26.85
C LEU A 98 9.97 -28.35 27.71
N THR A 99 10.71 -27.42 28.31
CA THR A 99 10.18 -26.45 29.27
C THR A 99 10.00 -25.09 28.57
N PHE A 100 8.76 -24.65 28.44
CA PHE A 100 8.45 -23.37 27.79
C PHE A 100 8.33 -22.25 28.81
N GLY A 101 8.85 -21.09 28.45
CA GLY A 101 8.50 -19.84 29.14
C GLY A 101 7.08 -19.46 28.76
N HIS A 102 6.49 -18.52 29.51
CA HIS A 102 5.10 -18.08 29.27
C HIS A 102 4.90 -17.23 28.01
N GLY A 103 5.98 -16.75 27.41
CA GLY A 103 5.89 -16.07 26.14
C GLY A 103 5.91 -14.57 26.27
N THR A 104 6.34 -13.90 25.21
CA THR A 104 6.23 -12.44 25.06
C THR A 104 5.38 -12.11 23.83
N ILE A 105 4.33 -11.31 24.00
CA ILE A 105 3.50 -10.86 22.88
C ILE A 105 4.11 -9.63 22.21
N LEU A 106 4.51 -9.78 20.95
CA LEU A 106 5.07 -8.72 20.19
C LEU A 106 4.08 -8.16 19.17
N ARG A 107 3.89 -6.85 19.22
CA ARG A 107 3.05 -6.11 18.29
C ARG A 107 3.90 -5.07 17.55
N VAL A 108 4.01 -5.19 16.24
CA VAL A 108 4.81 -4.25 15.44
C VAL A 108 3.89 -3.36 14.61
N HIS A 109 3.90 -2.06 14.90
CA HIS A 109 3.10 -1.08 14.15
C HIS A 109 3.80 -0.87 12.81
N PRO A 110 3.02 -0.82 11.72
CA PRO A 110 3.65 -0.46 10.44
C PRO A 110 4.05 1.02 10.43
N ASN A 111 5.13 1.35 9.72
CA ASN A 111 5.59 2.71 9.59
C ASN A 111 4.50 3.61 9.02
N ILE A 112 4.47 4.87 9.47
CA ILE A 112 3.53 5.85 8.96
C ILE A 112 4.28 6.89 8.13
N GLN A 113 4.07 6.87 6.83
CA GLN A 113 4.81 7.72 5.90
C GLN A 113 4.37 9.19 5.97
N ASN A 114 3.06 9.43 6.04
CA ASN A 114 2.54 10.79 6.20
C ASN A 114 1.43 10.82 7.26
N PRO A 115 1.80 11.08 8.54
CA PRO A 115 0.83 11.07 9.64
C PRO A 115 -0.36 11.98 9.40
N ASP A 116 -1.56 11.41 9.58
CA ASP A 116 -2.80 12.13 9.40
C ASP A 116 -3.72 11.71 10.54
N PRO A 117 -3.39 12.13 11.79
CA PRO A 117 -4.29 11.79 12.89
C PRO A 117 -5.61 12.53 12.70
N ALA A 118 -6.70 11.76 12.67
CA ALA A 118 -8.03 12.32 12.37
C ALA A 118 -9.09 11.45 13.00
N VAL A 119 -10.20 12.07 13.41
CA VAL A 119 -11.34 11.34 13.98
C VAL A 119 -12.58 11.64 13.18
N TYR A 120 -13.21 10.58 12.70
CA TYR A 120 -14.43 10.68 11.91
C TYR A 120 -15.57 9.90 12.60
N GLN A 121 -16.78 10.43 12.55
CA GLN A 121 -17.95 9.69 12.98
C GLN A 121 -18.68 9.12 11.76
N LEU A 122 -18.98 7.83 11.83
CA LEU A 122 -19.61 7.12 10.73
C LEU A 122 -20.96 6.69 11.21
N ARG A 123 -21.93 6.74 10.30
CA ARG A 123 -23.29 6.33 10.53
C ARG A 123 -23.53 4.90 10.04
N ASP A 124 -24.45 4.22 10.69
CA ASP A 124 -24.80 2.86 10.32
C ASP A 124 -25.52 2.94 8.98
N SER A 125 -25.17 2.04 8.07
CA SER A 125 -25.86 1.96 6.78
C SER A 125 -27.34 1.62 6.96
N LYS A 126 -27.66 0.94 8.07
CA LYS A 126 -29.03 0.62 8.44
C LYS A 126 -29.53 1.65 9.48
N SER A 127 -30.71 2.19 9.26
CA SER A 127 -31.31 3.21 10.15
C SER A 127 -31.24 2.86 11.65
N SER A 128 -30.35 3.56 12.36
CA SER A 128 -30.32 3.53 13.83
C SER A 128 -29.66 4.76 14.45
N ASP A 129 -29.45 4.70 15.77
CA ASP A 129 -28.85 5.79 16.54
C ASP A 129 -27.36 5.51 16.73
N LYS A 130 -26.96 4.32 16.32
CA LYS A 130 -25.58 3.82 16.42
C LYS A 130 -24.64 4.63 15.54
N SER A 131 -23.43 4.85 16.09
CA SER A 131 -22.36 5.43 15.34
C SER A 131 -21.01 4.92 15.84
N VAL A 132 -20.03 5.08 14.99
CA VAL A 132 -18.67 4.67 15.22
C VAL A 132 -17.75 5.87 15.03
N CYS A 133 -16.78 6.03 15.94
CA CYS A 133 -15.72 6.98 15.80
C CYS A 133 -14.52 6.21 15.32
N LEU A 134 -13.93 6.65 14.21
CA LEU A 134 -12.76 6.03 13.62
C LEU A 134 -11.62 6.99 13.78
N PHE A 135 -10.54 6.57 14.44
CA PHE A 135 -9.39 7.47 14.70
C PHE A 135 -8.23 6.92 13.87
N THR A 136 -7.93 7.60 12.77
CA THR A 136 -6.82 7.20 11.94
C THR A 136 -5.50 7.74 12.51
N ASP A 137 -4.43 6.94 12.39
CA ASP A 137 -3.09 7.35 12.86
C ASP A 137 -3.12 7.84 14.31
N PHE A 138 -3.87 7.13 15.15
CA PHE A 138 -4.09 7.54 16.55
C PHE A 138 -2.81 7.45 17.39
N ASP A 139 -1.87 6.65 16.93
CA ASP A 139 -0.59 6.46 17.61
C ASP A 139 0.61 7.24 17.01
N SER A 140 0.35 8.18 16.11
CA SER A 140 1.42 8.92 15.43
C SER A 140 2.13 9.94 16.31
N LYS A 148 1.18 4.85 26.65
CA LYS A 148 0.68 3.70 25.89
C LYS A 148 -0.57 4.00 25.05
N ASP A 149 -0.81 3.17 24.04
CA ASP A 149 -1.85 3.41 23.03
C ASP A 149 -3.26 3.63 23.59
N SER A 150 -3.66 2.82 24.57
CA SER A 150 -5.03 2.89 25.11
C SER A 150 -5.34 4.19 25.88
N ASP A 151 -4.29 4.96 26.21
CA ASP A 151 -4.44 6.28 26.87
C ASP A 151 -5.19 7.30 25.98
N VAL A 152 -5.31 7.00 24.68
CA VAL A 152 -6.15 7.82 23.77
C VAL A 152 -7.60 7.95 24.27
N TYR A 153 -8.07 6.91 24.97
CA TYR A 153 -9.49 6.76 25.30
C TYR A 153 -9.87 7.37 26.62
N ILE A 154 -11.04 8.01 26.64
CA ILE A 154 -11.71 8.29 27.90
C ILE A 154 -12.33 6.95 28.36
N THR A 155 -11.94 6.50 29.55
CA THR A 155 -12.54 5.28 30.12
C THR A 155 -13.45 5.47 31.37
N ASP A 156 -13.96 6.70 31.58
CA ASP A 156 -15.18 6.94 32.37
C ASP A 156 -16.20 5.90 31.90
N ALA A 157 -17.14 5.41 32.71
CA ALA A 157 -17.76 6.06 33.90
C ALA A 157 -18.79 7.12 33.48
N THR A 158 -18.83 7.44 32.19
CA THR A 158 -19.67 8.51 31.64
C THR A 158 -19.89 8.34 30.14
N VAL A 159 -18.80 8.10 29.41
CA VAL A 159 -18.84 8.09 27.95
C VAL A 159 -19.94 7.15 27.40
N LEU A 160 -20.16 6.04 28.12
CA LEU A 160 -21.08 4.98 27.67
C LEU A 160 -20.69 4.55 26.25
N ASP A 161 -19.51 3.94 26.12
CA ASP A 161 -19.07 3.45 24.83
C ASP A 161 -18.29 2.13 24.92
N MET A 162 -17.93 1.59 23.76
CA MET A 162 -17.09 0.42 23.68
C MET A 162 -15.91 0.80 22.80
N ARG A 163 -14.76 0.20 23.04
CA ARG A 163 -13.52 0.70 22.47
C ARG A 163 -12.67 -0.42 21.99
N SER A 164 -12.02 -0.22 20.84
CA SER A 164 -11.15 -1.22 20.26
C SER A 164 -10.08 -0.60 19.37
N MET A 165 -8.82 -0.99 19.58
CA MET A 165 -7.68 -0.47 18.81
C MET A 165 -7.13 -1.53 17.86
N ASP A 166 -6.65 -1.06 16.70
CA ASP A 166 -6.08 -1.95 15.70
C ASP A 166 -4.62 -1.56 15.45
N PHE A 167 -3.71 -2.21 16.19
CA PHE A 167 -2.29 -1.91 16.08
C PHE A 167 -1.79 -2.09 14.64
N LYS A 168 -2.42 -3.00 13.90
CA LYS A 168 -1.99 -3.33 12.53
C LYS A 168 -2.25 -2.23 11.51
N SER A 169 -3.21 -1.35 11.80
CA SER A 169 -3.54 -0.26 10.85
C SER A 169 -3.40 1.11 11.48
N ASN A 170 -2.81 1.14 12.67
CA ASN A 170 -2.58 2.38 13.45
C ASN A 170 -3.87 3.16 13.70
N SER A 171 -4.96 2.43 13.93
CA SER A 171 -6.27 3.02 14.04
C SER A 171 -6.97 2.52 15.29
N ALA A 172 -7.97 3.25 15.71
CA ALA A 172 -8.76 2.85 16.85
C ALA A 172 -10.19 3.21 16.54
N VAL A 173 -11.14 2.50 17.16
CA VAL A 173 -12.56 2.86 17.05
C VAL A 173 -13.16 2.96 18.43
N ALA A 174 -14.30 3.61 18.53
CA ALA A 174 -15.08 3.61 19.75
C ALA A 174 -16.47 3.75 19.22
N TRP A 175 -17.42 3.11 19.88
CA TRP A 175 -18.75 3.18 19.37
C TRP A 175 -19.74 3.23 20.49
N SER A 176 -20.96 3.66 20.13
CA SER A 176 -22.03 3.89 21.06
C SER A 176 -23.35 3.61 20.37
N ASN A 177 -24.38 3.36 21.18
CA ASN A 177 -25.76 3.31 20.68
C ASN A 177 -26.55 4.57 21.08
N LYS A 178 -25.85 5.52 21.73
CA LYS A 178 -26.41 6.78 22.21
C LYS A 178 -26.37 7.84 21.10
N SER A 179 -27.52 8.44 20.78
CA SER A 179 -27.56 9.38 19.66
C SER A 179 -26.85 10.72 19.99
N ASP A 180 -26.66 10.99 21.28
CA ASP A 180 -25.92 12.19 21.72
C ASP A 180 -24.38 11.99 21.66
N PHE A 181 -23.94 10.80 21.25
CA PHE A 181 -22.53 10.44 21.26
C PHE A 181 -21.76 11.28 20.27
N ALA A 182 -20.71 11.93 20.75
CA ALA A 182 -19.88 12.77 19.90
C ALA A 182 -18.41 12.36 20.06
N CYS A 183 -17.70 12.27 18.95
CA CYS A 183 -16.32 11.78 18.99
C CYS A 183 -15.31 12.55 19.88
N ALA A 184 -15.46 13.87 20.05
CA ALA A 184 -14.59 14.60 21.01
C ALA A 184 -14.60 14.09 22.46
N ASN A 185 -15.71 13.49 22.91
CA ASN A 185 -15.85 13.03 24.29
C ASN A 185 -15.35 11.59 24.49
N ALA A 186 -15.04 10.93 23.39
CA ALA A 186 -14.54 9.58 23.43
C ALA A 186 -13.05 9.54 23.73
N PHE A 187 -12.36 10.65 23.47
CA PHE A 187 -10.89 10.68 23.52
C PHE A 187 -10.31 11.75 24.46
N ASN A 188 -9.16 11.43 25.06
CA ASN A 188 -8.43 12.36 25.91
C ASN A 188 -7.69 13.32 25.00
N ASN A 189 -8.30 14.49 24.76
CA ASN A 189 -7.71 15.46 23.83
C ASN A 189 -6.30 15.97 24.29
N SER A 190 -5.99 15.80 25.59
CA SER A 190 -4.70 16.27 26.13
C SER A 190 -3.51 15.43 25.66
N ILE A 191 -3.80 14.19 25.25
CA ILE A 191 -2.80 13.13 25.06
C ILE A 191 -2.68 12.69 23.60
N ILE A 192 -3.79 12.80 22.85
CA ILE A 192 -3.81 12.36 21.44
C ILE A 192 -2.83 13.18 20.59
N PRO A 193 -2.47 12.71 19.37
CA PRO A 193 -1.56 13.55 18.57
C PRO A 193 -1.97 15.03 18.49
N GLU A 194 -0.97 15.92 18.51
CA GLU A 194 -1.26 17.35 18.60
C GLU A 194 -2.06 17.89 17.40
N ASP A 195 -1.85 17.33 16.23
CA ASP A 195 -2.55 17.94 15.11
C ASP A 195 -3.80 17.11 14.69
N THR A 196 -4.46 16.44 15.65
CA THR A 196 -5.64 15.60 15.32
C THR A 196 -6.80 16.40 14.75
N PHE A 197 -7.23 15.99 13.56
CA PHE A 197 -8.23 16.66 12.78
C PHE A 197 -9.62 16.13 13.17
N PHE A 198 -10.56 17.03 13.52
CA PHE A 198 -11.95 16.64 13.87
C PHE A 198 -12.92 17.35 12.95
N PRO A 199 -13.01 16.91 11.69
CA PRO A 199 -13.92 17.58 10.77
C PRO A 199 -15.38 17.33 11.19
N SER A 200 -16.25 18.29 10.95
CA SER A 200 -17.66 18.09 11.24
C SER A 200 -18.35 17.24 10.14
N MET B 1 4.48 -31.11 4.95
CA MET B 1 4.47 -31.91 6.22
C MET B 1 3.82 -31.15 7.39
N LYS B 2 2.69 -31.68 7.84
CA LYS B 2 1.70 -30.89 8.57
C LYS B 2 1.09 -31.66 9.74
N VAL B 3 0.73 -30.95 10.80
CA VAL B 3 -0.09 -31.50 11.87
C VAL B 3 -1.52 -30.95 11.75
N THR B 4 -2.50 -31.84 11.79
CA THR B 4 -3.90 -31.42 11.68
C THR B 4 -4.66 -31.61 12.99
N GLN B 5 -5.69 -30.80 13.21
CA GLN B 5 -6.55 -30.91 14.39
C GLN B 5 -8.00 -30.74 14.01
N MET B 6 -8.85 -31.51 14.67
CA MET B 6 -10.30 -31.45 14.47
C MET B 6 -11.02 -31.68 15.80
N PRO B 7 -12.08 -30.87 16.08
CA PRO B 7 -12.56 -29.69 15.35
C PRO B 7 -11.76 -28.41 15.65
N ARG B 8 -12.09 -27.29 14.98
CA ARG B 8 -11.35 -26.03 15.15
C ARG B 8 -11.99 -25.19 16.26
N TYR B 9 -13.30 -25.35 16.39
CA TYR B 9 -14.09 -24.64 17.39
C TYR B 9 -15.06 -25.59 18.03
N LEU B 10 -15.29 -25.40 19.32
CA LEU B 10 -16.12 -26.26 20.11
C LEU B 10 -16.76 -25.49 21.23
N ILE B 11 -18.06 -25.66 21.37
CA ILE B 11 -18.79 -25.12 22.49
C ILE B 11 -19.51 -26.28 23.16
N LYS B 12 -19.19 -26.52 24.43
CA LYS B 12 -19.79 -27.62 25.18
C LYS B 12 -20.33 -27.11 26.49
N ARG B 13 -21.35 -27.78 27.00
CA ARG B 13 -21.81 -27.53 28.35
C ARG B 13 -20.99 -28.35 29.33
N MET B 14 -20.74 -27.78 30.51
CA MET B 14 -20.08 -28.50 31.60
C MET B 14 -20.70 -29.86 31.91
N GLY B 15 -19.86 -30.86 32.17
CA GLY B 15 -20.33 -32.22 32.45
C GLY B 15 -20.35 -33.12 31.22
N GLU B 16 -20.16 -32.55 30.06
CA GLU B 16 -20.19 -33.31 28.83
C GLU B 16 -18.85 -33.93 28.48
N ASN B 17 -18.92 -35.02 27.74
CA ASN B 17 -17.78 -35.67 27.16
C ASN B 17 -17.28 -34.83 26.00
N VAL B 18 -15.97 -34.62 25.93
CA VAL B 18 -15.38 -33.95 24.78
C VAL B 18 -14.14 -34.68 24.23
N LEU B 19 -14.12 -34.77 22.90
CA LEU B 19 -13.07 -35.47 22.17
C LEU B 19 -12.37 -34.51 21.18
N LEU B 20 -11.07 -34.33 21.36
CA LEU B 20 -10.26 -33.58 20.39
C LEU B 20 -9.32 -34.53 19.65
N GLU B 21 -9.14 -34.28 18.35
CA GLU B 21 -8.41 -35.18 17.47
C GLU B 21 -7.25 -34.51 16.75
N CYS B 22 -6.18 -35.25 16.56
CA CYS B 22 -4.94 -34.73 16.03
C CYS B 22 -4.44 -35.77 15.06
N GLY B 23 -3.99 -35.31 13.90
CA GLY B 23 -3.41 -36.18 12.90
C GLY B 23 -2.04 -35.67 12.53
N GLN B 24 -1.26 -36.49 11.86
CA GLN B 24 0.13 -36.20 11.66
C GLN B 24 0.63 -37.21 10.61
N ASP B 25 1.24 -36.72 9.53
CA ASP B 25 1.65 -37.61 8.43
C ASP B 25 3.16 -37.71 8.22
N MET B 26 3.94 -37.36 9.24
CA MET B 26 5.39 -37.36 9.09
C MET B 26 6.07 -38.60 9.66
N SER B 27 5.28 -39.58 10.06
CA SER B 27 5.79 -40.79 10.73
C SER B 27 6.50 -40.44 12.03
N HIS B 28 5.97 -39.44 12.74
CA HIS B 28 6.57 -39.01 13.99
C HIS B 28 6.20 -39.97 15.11
N GLU B 29 7.18 -40.34 15.92
CA GLU B 29 6.90 -41.23 17.04
C GLU B 29 6.20 -40.53 18.22
N THR B 30 6.64 -39.31 18.55
CA THR B 30 6.13 -38.57 19.70
C THR B 30 4.98 -37.64 19.35
N MET B 31 3.93 -37.64 20.17
CA MET B 31 2.86 -36.64 20.01
C MET B 31 2.50 -35.96 21.35
N TYR B 32 1.98 -34.73 21.27
CA TYR B 32 1.74 -33.91 22.47
C TYR B 32 0.38 -33.23 22.48
N TRP B 33 -0.21 -33.10 23.66
CA TRP B 33 -1.35 -32.22 23.84
C TRP B 33 -0.98 -31.11 24.82
N TYR B 34 -1.14 -29.86 24.37
CA TYR B 34 -0.88 -28.67 25.18
C TYR B 34 -2.19 -27.90 25.31
N ARG B 35 -2.32 -27.10 26.36
CA ARG B 35 -3.32 -26.01 26.35
C ARG B 35 -2.60 -24.67 26.50
N GLN B 36 -3.21 -23.63 25.97
CA GLN B 36 -2.65 -22.29 26.03
C GLN B 36 -3.69 -21.34 26.61
N ASP B 37 -3.36 -20.72 27.73
CA ASP B 37 -4.24 -19.76 28.40
C ASP B 37 -3.54 -18.41 28.55
N PRO B 38 -4.31 -17.29 28.51
CA PRO B 38 -3.75 -15.96 28.77
C PRO B 38 -2.79 -15.92 29.93
N GLY B 39 -1.59 -15.42 29.66
CA GLY B 39 -0.60 -15.19 30.70
C GLY B 39 0.26 -16.37 31.02
N LEU B 40 -0.36 -17.53 31.24
CA LEU B 40 0.30 -18.82 31.33
C LEU B 40 0.77 -19.13 29.91
N GLY B 41 1.64 -20.10 29.74
CA GLY B 41 2.17 -20.28 28.39
C GLY B 41 1.53 -21.45 27.70
N LEU B 42 2.37 -22.31 27.13
CA LEU B 42 1.94 -23.62 26.68
C LEU B 42 2.11 -24.59 27.85
N GLN B 43 1.03 -25.19 28.27
CA GLN B 43 1.06 -26.14 29.37
C GLN B 43 0.84 -27.56 28.84
N LEU B 44 1.80 -28.46 29.09
CA LEU B 44 1.72 -29.84 28.62
C LEU B 44 0.75 -30.68 29.45
N ILE B 45 -0.22 -31.28 28.77
CA ILE B 45 -1.20 -32.14 29.43
C ILE B 45 -0.74 -33.61 29.45
N TYR B 46 -0.47 -34.15 28.25
CA TYR B 46 0.09 -35.49 28.05
C TYR B 46 1.07 -35.53 26.91
N ILE B 47 2.07 -36.38 27.05
CA ILE B 47 2.99 -36.69 25.98
C ILE B 47 2.78 -38.18 25.65
N SER B 48 2.92 -38.54 24.37
CA SER B 48 2.87 -39.95 23.93
C SER B 48 4.11 -40.29 23.10
N TYR B 49 4.90 -41.24 23.57
CA TYR B 49 6.19 -41.62 22.94
C TYR B 49 6.17 -42.84 21.95
N ASP B 50 5.03 -43.52 21.87
CA ASP B 50 4.81 -44.72 21.04
C ASP B 50 3.36 -45.12 21.32
N VAL B 51 2.79 -45.97 20.45
CA VAL B 51 1.43 -46.45 20.62
C VAL B 51 1.32 -47.02 22.05
N ASP B 52 0.31 -46.56 22.79
CA ASP B 52 0.11 -46.98 24.18
C ASP B 52 1.33 -46.75 25.08
N SER B 53 2.04 -45.65 24.88
CA SER B 53 3.13 -45.25 25.78
C SER B 53 2.92 -43.77 26.15
N ASN B 54 1.82 -43.50 26.88
CA ASN B 54 1.44 -42.13 27.26
C ASN B 54 1.89 -41.78 28.67
N SER B 55 2.47 -40.59 28.78
CA SER B 55 3.10 -40.12 30.00
C SER B 55 2.44 -38.77 30.37
N GLU B 56 2.15 -38.57 31.64
CA GLU B 56 1.59 -37.31 32.13
C GLU B 56 2.53 -36.14 31.89
N GLY B 57 1.94 -35.01 31.51
CA GLY B 57 2.64 -33.73 31.54
C GLY B 57 2.46 -33.07 32.91
N ASP B 58 2.49 -31.73 32.93
CA ASP B 58 2.39 -30.97 34.19
C ASP B 58 0.97 -30.83 34.72
N ILE B 59 -0.01 -30.90 33.84
CA ILE B 59 -1.42 -30.68 34.21
C ILE B 59 -2.38 -31.74 33.67
N PRO B 60 -2.18 -33.02 34.06
CA PRO B 60 -3.01 -34.09 33.52
C PRO B 60 -4.43 -34.19 34.09
N LYS B 61 -4.68 -33.58 35.24
CA LYS B 61 -5.97 -33.69 35.95
C LYS B 61 -7.14 -33.21 35.08
N GLY B 62 -8.09 -34.12 34.84
CA GLY B 62 -9.31 -33.85 34.10
C GLY B 62 -9.24 -34.22 32.64
N TYR B 63 -8.14 -34.89 32.27
CA TYR B 63 -7.88 -35.27 30.91
C TYR B 63 -7.48 -36.74 30.82
N ARG B 64 -7.81 -37.36 29.69
CA ARG B 64 -7.35 -38.70 29.34
C ARG B 64 -6.89 -38.68 27.89
N VAL B 65 -6.01 -39.62 27.55
CA VAL B 65 -5.41 -39.64 26.21
C VAL B 65 -5.42 -41.06 25.58
N SER B 66 -5.46 -41.09 24.24
CA SER B 66 -5.53 -42.32 23.47
C SER B 66 -4.57 -42.25 22.27
N ARG B 67 -3.59 -43.16 22.25
CA ARG B 67 -2.70 -43.31 21.11
C ARG B 67 -2.73 -44.76 20.61
N LYS B 68 -3.60 -45.07 19.67
CA LYS B 68 -3.73 -46.44 19.14
C LYS B 68 -3.06 -46.61 17.77
N LYS B 69 -2.92 -45.49 17.05
CA LYS B 69 -2.17 -45.45 15.80
C LYS B 69 -1.06 -44.41 15.97
N ARG B 70 0.01 -44.55 15.20
CA ARG B 70 1.14 -43.63 15.28
C ARG B 70 0.75 -42.24 14.75
N GLU B 71 -0.16 -42.22 13.78
CA GLU B 71 -0.57 -40.99 13.10
C GLU B 71 -1.60 -40.16 13.85
N HIS B 72 -2.31 -40.74 14.81
CA HIS B 72 -3.31 -39.99 15.60
C HIS B 72 -3.03 -39.99 17.12
N PHE B 73 -3.46 -38.91 17.78
CA PHE B 73 -3.37 -38.73 19.23
C PHE B 73 -4.66 -38.01 19.70
N SER B 74 -5.40 -38.64 20.61
CA SER B 74 -6.72 -38.16 21.05
C SER B 74 -6.70 -37.57 22.44
N LEU B 75 -7.34 -36.42 22.63
CA LEU B 75 -7.53 -35.84 23.98
C LEU B 75 -9.00 -35.95 24.40
N ILE B 76 -9.23 -36.48 25.58
CA ILE B 76 -10.56 -36.77 26.09
C ILE B 76 -10.79 -36.07 27.41
N LEU B 77 -11.88 -35.31 27.49
CA LEU B 77 -12.33 -34.80 28.77
C LEU B 77 -13.58 -35.59 29.05
N ASP B 78 -13.56 -36.38 30.12
CA ASP B 78 -14.69 -37.24 30.47
C ASP B 78 -15.90 -36.47 30.97
N SER B 79 -15.63 -35.39 31.69
CA SER B 79 -16.69 -34.57 32.24
C SER B 79 -16.11 -33.16 32.25
N ALA B 80 -16.42 -32.39 31.22
CA ALA B 80 -15.78 -31.09 30.96
C ALA B 80 -16.10 -30.10 32.06
N LYS B 81 -15.09 -29.33 32.50
CA LYS B 81 -15.28 -28.25 33.47
C LYS B 81 -15.10 -26.91 32.78
N THR B 82 -15.73 -25.87 33.29
CA THR B 82 -15.58 -24.54 32.71
C THR B 82 -14.12 -24.07 32.67
N ASN B 83 -13.30 -24.45 33.65
CA ASN B 83 -11.89 -24.04 33.63
C ASN B 83 -11.02 -24.82 32.65
N GLN B 84 -11.68 -25.64 31.83
CA GLN B 84 -11.03 -26.32 30.72
C GLN B 84 -11.32 -25.57 29.41
N THR B 85 -12.03 -24.44 29.54
CA THR B 85 -12.12 -23.47 28.44
C THR B 85 -10.71 -23.01 28.12
N SER B 86 -10.29 -23.22 26.87
CA SER B 86 -8.91 -22.92 26.52
C SER B 86 -8.71 -23.13 25.04
N VAL B 87 -7.48 -22.93 24.58
CA VAL B 87 -7.08 -23.24 23.23
C VAL B 87 -6.13 -24.42 23.36
N TYR B 88 -6.46 -25.52 22.69
CA TYR B 88 -5.70 -26.77 22.76
C TYR B 88 -4.90 -26.98 21.51
N PHE B 89 -3.60 -27.26 21.68
CA PHE B 89 -2.69 -27.51 20.57
C PHE B 89 -2.10 -28.89 20.72
N CYS B 90 -2.15 -29.68 19.66
CA CYS B 90 -1.41 -30.91 19.64
C CYS B 90 -0.13 -30.64 18.89
N ALA B 91 0.86 -31.53 19.07
CA ALA B 91 2.13 -31.41 18.37
C ALA B 91 2.71 -32.79 18.13
N SER B 92 3.76 -32.84 17.32
CA SER B 92 4.51 -34.06 17.13
C SER B 92 5.97 -33.72 16.92
N SER B 93 6.83 -34.69 17.19
CA SER B 93 8.24 -34.58 16.85
C SER B 93 8.75 -35.96 16.50
N LEU B 94 9.90 -35.98 15.81
CA LEU B 94 10.63 -37.19 15.51
C LEU B 94 11.38 -37.59 16.78
N ALA B 95 10.92 -38.61 17.51
CA ALA B 95 11.43 -38.94 18.86
C ALA B 95 11.07 -37.89 19.96
N GLY B 96 11.08 -38.35 21.22
CA GLY B 96 10.45 -37.63 22.33
C GLY B 96 11.19 -36.65 23.22
N THR B 97 12.50 -36.46 22.98
CA THR B 97 13.28 -35.48 23.75
C THR B 97 12.98 -34.04 23.30
N GLY B 98 13.38 -33.08 24.13
CA GLY B 98 13.14 -31.65 23.86
C GLY B 98 13.92 -31.11 22.68
N ASN B 99 15.02 -31.79 22.36
CA ASN B 99 15.96 -31.43 21.28
C ASN B 99 15.39 -31.47 19.88
N TYR B 100 14.24 -32.12 19.75
CA TYR B 100 13.58 -32.30 18.49
C TYR B 100 12.53 -31.23 18.31
N GLU B 101 12.45 -30.72 17.07
CA GLU B 101 11.46 -29.72 16.72
C GLU B 101 10.08 -30.30 16.93
N GLN B 102 9.24 -29.55 17.63
CA GLN B 102 7.82 -29.89 17.73
C GLN B 102 7.05 -29.13 16.67
N TYR B 103 6.23 -29.87 15.93
CA TYR B 103 5.38 -29.31 14.90
C TYR B 103 3.97 -29.23 15.49
N PHE B 104 3.41 -28.01 15.56
CA PHE B 104 2.09 -27.81 16.20
C PHE B 104 0.93 -27.79 15.21
N GLY B 105 -0.20 -28.33 15.63
CA GLY B 105 -1.45 -28.18 14.90
C GLY B 105 -1.95 -26.74 14.96
N PRO B 106 -3.04 -26.43 14.22
CA PRO B 106 -3.61 -25.07 14.23
C PRO B 106 -4.45 -24.72 15.48
N GLY B 107 -4.70 -25.68 16.37
CA GLY B 107 -5.45 -25.39 17.59
C GLY B 107 -6.92 -25.72 17.49
N THR B 108 -7.51 -26.05 18.64
CA THR B 108 -8.95 -26.14 18.82
C THR B 108 -9.29 -25.15 19.94
N ARG B 109 -10.21 -24.22 19.66
CA ARG B 109 -10.66 -23.30 20.71
C ARG B 109 -11.89 -23.93 21.34
N LEU B 110 -11.76 -24.37 22.59
CA LEU B 110 -12.88 -25.00 23.28
C LEU B 110 -13.43 -24.08 24.34
N THR B 111 -14.75 -23.85 24.32
CA THR B 111 -15.41 -23.15 25.43
C THR B 111 -16.36 -24.08 26.17
N VAL B 112 -16.14 -24.24 27.47
CA VAL B 112 -17.03 -25.02 28.29
C VAL B 112 -17.83 -24.06 29.18
N THR B 113 -19.15 -24.13 29.06
CA THR B 113 -20.03 -23.10 29.58
C THR B 113 -20.98 -23.74 30.58
N GLU B 114 -21.38 -22.95 31.57
CA GLU B 114 -22.28 -23.44 32.62
C GLU B 114 -23.67 -23.79 32.07
N ASP B 115 -24.15 -23.02 31.10
CA ASP B 115 -25.45 -23.29 30.47
C ASP B 115 -25.44 -22.81 29.02
N LEU B 116 -26.06 -23.58 28.14
CA LEU B 116 -26.02 -23.20 26.71
C LEU B 116 -26.80 -21.92 26.41
N LYS B 117 -27.65 -21.47 27.34
CA LYS B 117 -28.36 -20.21 27.19
C LYS B 117 -27.42 -18.99 27.20
N ASN B 118 -26.15 -19.24 27.52
CA ASN B 118 -25.10 -18.22 27.41
C ASN B 118 -24.64 -18.02 25.95
N VAL B 119 -25.09 -18.90 25.04
CA VAL B 119 -24.61 -18.86 23.65
C VAL B 119 -25.50 -17.96 22.79
N PHE B 120 -24.85 -17.04 22.08
CA PHE B 120 -25.48 -15.98 21.31
C PHE B 120 -24.72 -15.81 20.02
N PRO B 121 -25.44 -15.73 18.89
CA PRO B 121 -24.77 -15.37 17.65
C PRO B 121 -24.51 -13.86 17.62
N PRO B 122 -23.65 -13.42 16.73
CA PRO B 122 -23.40 -11.98 16.68
C PRO B 122 -24.51 -11.21 15.98
N GLU B 123 -24.67 -9.94 16.35
CA GLU B 123 -25.36 -8.96 15.50
C GLU B 123 -24.29 -8.29 14.70
N VAL B 124 -24.57 -7.99 13.42
CA VAL B 124 -23.57 -7.38 12.54
C VAL B 124 -24.13 -6.09 11.91
N ALA B 125 -23.33 -5.04 11.91
CA ALA B 125 -23.68 -3.73 11.34
C ALA B 125 -22.49 -3.19 10.55
N VAL B 126 -22.75 -2.60 9.40
CA VAL B 126 -21.78 -1.93 8.57
C VAL B 126 -22.03 -0.41 8.65
N PHE B 127 -20.96 0.34 8.88
CA PHE B 127 -21.02 1.82 8.98
C PHE B 127 -20.43 2.42 7.72
N GLU B 128 -21.13 3.36 7.11
CA GLU B 128 -20.72 3.90 5.81
C GLU B 128 -19.58 4.88 6.04
N PRO B 129 -18.68 5.00 5.06
CA PRO B 129 -17.57 5.93 5.23
C PRO B 129 -18.04 7.36 5.47
N SER B 130 -17.27 8.07 6.28
CA SER B 130 -17.44 9.48 6.51
C SER B 130 -17.14 10.30 5.24
N GLU B 131 -18.07 11.19 4.85
CA GLU B 131 -17.76 12.17 3.79
C GLU B 131 -16.56 13.08 4.13
N ALA B 132 -16.33 13.33 5.41
CA ALA B 132 -15.18 14.14 5.80
C ALA B 132 -13.86 13.42 5.47
N GLU B 133 -13.83 12.12 5.69
CA GLU B 133 -12.68 11.30 5.30
C GLU B 133 -12.43 11.29 3.77
N ILE B 134 -13.51 11.08 3.03
CA ILE B 134 -13.50 11.12 1.57
C ILE B 134 -12.94 12.45 1.04
N SER B 135 -13.42 13.57 1.60
CA SER B 135 -12.95 14.89 1.22
C SER B 135 -11.46 15.16 1.54
N HIS B 136 -11.00 14.61 2.66
CA HIS B 136 -9.66 14.90 3.18
C HIS B 136 -8.59 14.03 2.54
N THR B 137 -8.96 12.79 2.18
CA THR B 137 -7.98 11.75 1.80
C THR B 137 -8.23 11.10 0.42
N GLN B 138 -9.43 11.27 -0.15
CA GLN B 138 -9.87 10.57 -1.39
C GLN B 138 -9.92 9.04 -1.22
N LYS B 139 -10.14 8.60 0.03
CA LYS B 139 -10.34 7.21 0.36
C LYS B 139 -11.48 7.10 1.38
N ALA B 140 -12.08 5.92 1.49
CA ALA B 140 -13.35 5.72 2.22
C ALA B 140 -13.24 4.44 3.04
N THR B 141 -13.36 4.55 4.36
CA THR B 141 -13.16 3.43 5.23
C THR B 141 -14.51 3.04 5.74
N LEU B 142 -14.91 1.80 5.40
CA LEU B 142 -16.12 1.25 6.00
C LEU B 142 -15.72 0.56 7.28
N VAL B 143 -16.61 0.53 8.26
CA VAL B 143 -16.34 -0.21 9.49
C VAL B 143 -17.46 -1.25 9.70
N CYS B 144 -17.06 -2.48 10.09
CA CYS B 144 -17.99 -3.55 10.50
C CYS B 144 -17.89 -3.77 12.00
N LEU B 145 -19.03 -3.85 12.72
CA LEU B 145 -19.08 -4.22 14.13
C LEU B 145 -19.87 -5.51 14.30
N ALA B 146 -19.20 -6.50 14.87
CA ALA B 146 -19.88 -7.74 15.29
C ALA B 146 -19.99 -7.67 16.80
N THR B 147 -21.20 -7.72 17.34
CA THR B 147 -21.40 -7.49 18.75
C THR B 147 -22.33 -8.56 19.34
N GLY B 148 -22.22 -8.74 20.66
CA GLY B 148 -23.19 -9.56 21.44
C GLY B 148 -22.99 -11.06 21.33
N PHE B 149 -21.84 -11.50 20.82
CA PHE B 149 -21.71 -12.95 20.61
C PHE B 149 -20.97 -13.68 21.73
N TYR B 150 -21.35 -14.95 21.90
CA TYR B 150 -20.68 -15.88 22.80
C TYR B 150 -20.90 -17.33 22.30
N PRO B 151 -19.84 -18.13 22.23
CA PRO B 151 -18.47 -17.84 22.62
C PRO B 151 -17.75 -16.97 21.56
N ASP B 152 -16.49 -16.64 21.80
CA ASP B 152 -15.74 -15.77 20.87
C ASP B 152 -15.26 -16.51 19.66
N HIS B 153 -16.13 -17.38 19.13
CA HIS B 153 -15.72 -18.21 18.01
C HIS B 153 -16.27 -17.68 16.69
N VAL B 154 -15.56 -16.73 16.05
CA VAL B 154 -16.05 -16.10 14.82
C VAL B 154 -14.94 -15.95 13.77
N GLU B 155 -15.31 -15.86 12.50
CA GLU B 155 -14.34 -15.44 11.47
C GLU B 155 -15.00 -14.36 10.68
N LEU B 156 -14.39 -13.19 10.64
CA LEU B 156 -15.01 -12.09 9.91
C LEU B 156 -14.34 -11.94 8.51
N SER B 157 -15.16 -11.75 7.48
CA SER B 157 -14.60 -11.46 6.16
C SER B 157 -15.44 -10.40 5.45
N TRP B 158 -14.82 -9.78 4.44
CA TRP B 158 -15.49 -8.77 3.61
C TRP B 158 -15.68 -9.26 2.18
N TRP B 159 -16.83 -8.95 1.62
CA TRP B 159 -17.19 -9.42 0.28
C TRP B 159 -17.55 -8.20 -0.50
N VAL B 160 -16.85 -7.96 -1.60
CA VAL B 160 -17.13 -6.81 -2.41
C VAL B 160 -17.55 -7.30 -3.79
N ASN B 161 -18.77 -6.94 -4.18
CA ASN B 161 -19.31 -7.37 -5.47
C ASN B 161 -19.35 -8.90 -5.58
N GLY B 162 -19.69 -9.57 -4.48
CA GLY B 162 -19.80 -11.02 -4.49
C GLY B 162 -18.49 -11.79 -4.37
N LYS B 163 -17.39 -11.09 -4.18
CA LYS B 163 -16.08 -11.73 -4.06
C LYS B 163 -15.38 -11.36 -2.74
N GLU B 164 -14.77 -12.33 -2.08
CA GLU B 164 -14.02 -12.02 -0.86
C GLU B 164 -12.78 -11.21 -1.19
N VAL B 165 -12.55 -10.17 -0.37
CA VAL B 165 -11.41 -9.31 -0.55
C VAL B 165 -10.53 -9.31 0.71
N HIS B 166 -9.26 -9.06 0.51
CA HIS B 166 -8.31 -8.98 1.60
C HIS B 166 -7.59 -7.66 1.53
N SER B 167 -7.40 -7.18 0.31
CA SER B 167 -6.78 -5.90 0.07
C SER B 167 -7.55 -4.78 0.75
N GLY B 168 -6.86 -3.97 1.58
CA GLY B 168 -7.48 -2.82 2.27
C GLY B 168 -8.29 -3.22 3.50
N VAL B 169 -8.23 -4.49 3.87
CA VAL B 169 -8.94 -5.00 5.09
C VAL B 169 -7.99 -5.01 6.31
N SER B 170 -8.46 -4.53 7.46
CA SER B 170 -7.75 -4.69 8.75
C SER B 170 -8.75 -5.00 9.83
N THR B 171 -8.66 -6.22 10.35
CA THR B 171 -9.62 -6.70 11.34
C THR B 171 -8.94 -6.77 12.72
N ASP B 172 -9.68 -6.47 13.77
CA ASP B 172 -9.15 -6.59 15.14
C ASP B 172 -8.53 -7.97 15.34
N PRO B 173 -7.36 -8.06 16.02
CA PRO B 173 -6.70 -9.37 16.23
C PRO B 173 -7.58 -10.43 16.90
N GLN B 174 -8.37 -10.02 17.89
CA GLN B 174 -9.22 -10.93 18.64
C GLN B 174 -10.49 -10.27 19.08
N PRO B 175 -11.57 -11.06 19.22
CA PRO B 175 -12.76 -10.51 19.91
C PRO B 175 -12.48 -10.04 21.37
N LEU B 176 -13.17 -8.98 21.79
CA LEU B 176 -12.98 -8.40 23.13
C LEU B 176 -14.27 -8.53 23.93
N LYS B 177 -14.14 -8.82 25.22
CA LYS B 177 -15.29 -8.92 26.10
C LYS B 177 -15.92 -7.55 26.19
N GLU B 178 -17.26 -7.54 26.14
CA GLU B 178 -18.03 -6.35 26.35
C GLU B 178 -18.04 -5.98 27.83
N GLN B 179 -17.93 -6.99 28.70
CA GLN B 179 -17.82 -6.76 30.15
C GLN B 179 -16.71 -7.62 30.74
N PRO B 180 -15.44 -7.15 30.64
CA PRO B 180 -14.28 -7.95 31.04
C PRO B 180 -14.37 -8.61 32.42
N ALA B 181 -15.20 -8.07 33.31
CA ALA B 181 -15.33 -8.59 34.68
C ALA B 181 -16.26 -9.80 34.83
N LEU B 182 -16.87 -10.24 33.73
CA LEU B 182 -17.82 -11.35 33.78
C LEU B 182 -17.28 -12.56 33.00
N ASN B 183 -17.27 -13.73 33.63
CA ASN B 183 -16.82 -14.97 32.98
C ASN B 183 -17.58 -15.26 31.67
N ASP B 184 -18.88 -14.98 31.67
CA ASP B 184 -19.77 -15.34 30.56
C ASP B 184 -20.09 -14.14 29.67
N SER B 185 -19.25 -13.10 29.79
CA SER B 185 -19.39 -11.90 28.99
C SER B 185 -19.50 -12.23 27.51
N ARG B 186 -20.30 -11.45 26.82
CA ARG B 186 -20.37 -11.55 25.38
C ARG B 186 -19.26 -10.71 24.79
N TYR B 187 -19.08 -10.84 23.49
CA TYR B 187 -17.90 -10.30 22.81
C TYR B 187 -18.25 -9.38 21.65
N SER B 188 -17.31 -8.53 21.27
CA SER B 188 -17.45 -7.68 20.09
C SER B 188 -16.19 -7.83 19.28
N LEU B 189 -16.26 -7.52 17.99
CA LEU B 189 -15.11 -7.51 17.12
C LEU B 189 -15.35 -6.45 16.05
N SER B 190 -14.32 -5.68 15.65
CA SER B 190 -14.51 -4.73 14.57
C SER B 190 -13.54 -4.97 13.45
N SER B 191 -13.87 -4.41 12.30
CA SER B 191 -13.05 -4.49 11.12
C SER B 191 -13.22 -3.26 10.26
N ARG B 192 -12.18 -2.92 9.52
CA ARG B 192 -12.23 -1.82 8.55
C ARG B 192 -11.90 -2.31 7.18
N LEU B 193 -12.60 -1.75 6.21
CA LEU B 193 -12.28 -1.96 4.82
C LEU B 193 -12.16 -0.59 4.18
N ARG B 194 -11.00 -0.31 3.63
CA ARG B 194 -10.77 0.95 2.95
C ARG B 194 -10.64 0.78 1.44
N VAL B 195 -11.39 1.63 0.72
CA VAL B 195 -11.45 1.61 -0.76
C VAL B 195 -11.20 3.08 -1.19
N SER B 196 -11.09 3.33 -2.50
CA SER B 196 -10.97 4.71 -2.97
C SER B 196 -12.30 5.45 -2.87
N ALA B 197 -12.28 6.79 -2.94
CA ALA B 197 -13.53 7.58 -2.90
C ALA B 197 -14.41 7.25 -4.10
N THR B 198 -13.80 7.07 -5.27
CA THR B 198 -14.61 6.77 -6.47
C THR B 198 -15.23 5.36 -6.44
N PHE B 199 -14.53 4.41 -5.85
CA PHE B 199 -15.10 3.08 -5.68
C PHE B 199 -16.32 3.11 -4.74
N TRP B 200 -16.19 3.79 -3.62
CA TRP B 200 -17.35 3.98 -2.72
C TRP B 200 -18.49 4.78 -3.40
N GLN B 201 -18.13 5.75 -4.21
CA GLN B 201 -19.11 6.58 -4.90
C GLN B 201 -19.87 5.91 -6.05
N ASN B 202 -19.59 4.64 -6.34
CA ASN B 202 -20.23 3.98 -7.44
C ASN B 202 -21.39 3.16 -6.90
N PRO B 203 -22.65 3.53 -7.24
CA PRO B 203 -23.82 2.86 -6.62
C PRO B 203 -23.98 1.41 -7.09
N ARG B 204 -23.19 1.00 -8.08
CA ARG B 204 -23.16 -0.39 -8.53
C ARG B 204 -22.41 -1.29 -7.54
N ASN B 205 -21.50 -0.69 -6.75
CA ASN B 205 -20.65 -1.49 -5.84
C ASN B 205 -21.38 -1.80 -4.54
N HIS B 206 -21.18 -3.02 -4.04
CA HIS B 206 -21.77 -3.42 -2.77
C HIS B 206 -20.72 -4.11 -1.91
N PHE B 207 -20.83 -3.94 -0.59
CA PHE B 207 -19.78 -4.24 0.39
C PHE B 207 -20.48 -4.99 1.51
N ARG B 208 -20.16 -6.27 1.71
CA ARG B 208 -20.80 -7.07 2.73
C ARG B 208 -19.75 -7.54 3.74
N CYS B 209 -19.95 -7.22 5.00
CA CYS B 209 -19.14 -7.87 6.02
C CYS B 209 -19.89 -9.08 6.54
N GLN B 210 -19.18 -10.18 6.55
CA GLN B 210 -19.72 -11.51 6.86
C GLN B 210 -19.06 -12.00 8.15
N VAL B 211 -19.84 -12.39 9.14
CA VAL B 211 -19.22 -13.08 10.25
C VAL B 211 -19.78 -14.52 10.43
N GLN B 212 -18.90 -15.47 10.13
CA GLN B 212 -19.11 -16.87 10.46
C GLN B 212 -19.01 -17.09 11.96
N PHE B 213 -20.11 -17.57 12.54
CA PHE B 213 -20.18 -17.83 13.97
C PHE B 213 -20.23 -19.35 14.12
N TYR B 214 -19.46 -19.86 15.06
CA TYR B 214 -19.45 -21.30 15.36
C TYR B 214 -20.18 -21.52 16.67
N GLY B 215 -21.31 -22.22 16.57
CA GLY B 215 -22.25 -22.32 17.68
C GLY B 215 -22.62 -23.74 17.98
N LEU B 216 -23.86 -23.92 18.40
CA LEU B 216 -24.41 -25.20 18.83
C LEU B 216 -24.57 -26.16 17.64
N SER B 217 -24.61 -27.45 17.93
CA SER B 217 -24.83 -28.45 16.87
C SER B 217 -26.18 -29.15 17.05
N GLU B 218 -26.46 -30.10 16.16
CA GLU B 218 -27.72 -30.85 16.21
C GLU B 218 -27.86 -31.63 17.53
N ASN B 219 -26.75 -32.16 18.07
CA ASN B 219 -26.77 -32.85 19.38
C ASN B 219 -27.27 -32.01 20.56
N ASP B 220 -27.13 -30.69 20.48
CA ASP B 220 -27.44 -29.87 21.62
C ASP B 220 -28.92 -29.64 21.71
N GLU B 221 -29.47 -29.83 22.91
CA GLU B 221 -30.87 -29.50 23.16
C GLU B 221 -31.13 -28.00 23.26
N TRP B 222 -32.29 -27.59 22.74
CA TRP B 222 -32.67 -26.18 22.78
C TRP B 222 -34.18 -26.05 22.97
N THR B 223 -34.58 -25.41 24.07
CA THR B 223 -36.00 -25.22 24.36
C THR B 223 -36.40 -23.75 24.46
N GLN B 224 -35.42 -22.86 24.28
CA GLN B 224 -35.63 -21.43 24.46
C GLN B 224 -36.57 -20.86 23.41
N ASP B 225 -37.25 -19.77 23.76
CA ASP B 225 -38.12 -19.04 22.83
C ASP B 225 -37.31 -18.46 21.65
N ARG B 226 -36.10 -18.00 21.93
CA ARG B 226 -35.26 -17.46 20.85
C ARG B 226 -34.67 -18.56 19.97
N ALA B 227 -34.40 -18.22 18.73
CA ALA B 227 -33.71 -19.08 17.77
C ALA B 227 -32.49 -19.78 18.38
N LYS B 228 -32.33 -21.07 18.05
CA LYS B 228 -31.16 -21.86 18.46
C LYS B 228 -29.87 -21.29 17.85
N PRO B 229 -28.87 -20.92 18.69
CA PRO B 229 -27.63 -20.30 18.19
C PRO B 229 -26.65 -21.31 17.55
N VAL B 230 -27.07 -21.88 16.44
CA VAL B 230 -26.26 -22.86 15.70
C VAL B 230 -25.21 -22.14 14.92
N THR B 231 -24.24 -22.89 14.41
CA THR B 231 -23.25 -22.37 13.49
C THR B 231 -23.95 -21.73 12.26
N GLN B 232 -23.58 -20.49 11.94
CA GLN B 232 -24.32 -19.71 10.94
C GLN B 232 -23.49 -18.54 10.48
N ILE B 233 -23.89 -17.91 9.36
CA ILE B 233 -23.30 -16.62 9.00
C ILE B 233 -24.29 -15.46 9.28
N VAL B 234 -23.74 -14.38 9.81
CA VAL B 234 -24.50 -13.14 9.97
C VAL B 234 -23.75 -12.03 9.22
N SER B 235 -24.48 -11.32 8.35
CA SER B 235 -23.90 -10.33 7.44
C SER B 235 -24.56 -8.96 7.54
N ALA B 236 -23.84 -7.92 7.14
CA ALA B 236 -24.50 -6.64 6.90
C ALA B 236 -23.87 -6.10 5.64
N GLU B 237 -24.70 -5.45 4.82
CA GLU B 237 -24.30 -5.01 3.48
C GLU B 237 -24.65 -3.52 3.26
N ALA B 238 -23.74 -2.79 2.63
CA ALA B 238 -24.01 -1.41 2.22
C ALA B 238 -23.70 -1.27 0.74
N TRP B 239 -24.38 -0.33 0.10
CA TRP B 239 -24.20 -0.05 -1.32
C TRP B 239 -23.53 1.31 -1.46
N GLY B 240 -22.66 1.42 -2.45
CA GLY B 240 -22.02 2.69 -2.76
C GLY B 240 -23.03 3.80 -3.04
N ARG B 241 -22.59 5.04 -2.87
CA ARG B 241 -23.52 6.16 -2.93
C ARG B 241 -22.87 7.33 -3.66
N SER B 242 -23.47 7.79 -4.76
CA SER B 242 -22.96 8.98 -5.48
C SER B 242 -22.83 10.18 -4.54
N GLN C 1 24.18 -5.22 -14.03
CA GLN C 1 22.99 -4.66 -14.72
C GLN C 1 21.70 -5.25 -14.18
N VAL C 2 20.65 -4.44 -14.30
CA VAL C 2 19.33 -4.70 -13.77
C VAL C 2 18.44 -4.48 -14.98
N ARG C 3 17.70 -5.51 -15.37
CA ARG C 3 16.83 -5.51 -16.55
C ARG C 3 15.36 -5.59 -16.13
N GLN C 4 14.57 -4.63 -16.56
CA GLN C 4 13.15 -4.60 -16.25
C GLN C 4 12.32 -4.92 -17.48
N SER C 5 11.14 -5.51 -17.25
CA SER C 5 10.11 -5.69 -18.29
C SER C 5 8.71 -5.63 -17.67
N PRO C 6 7.70 -5.17 -18.45
CA PRO C 6 7.87 -4.63 -19.83
C PRO C 6 8.40 -3.19 -19.76
N GLN C 7 8.52 -2.51 -20.89
CA GLN C 7 9.00 -1.12 -20.88
C GLN C 7 7.89 -0.14 -20.47
N SER C 8 6.66 -0.49 -20.83
CA SER C 8 5.50 0.28 -20.40
C SER C 8 4.29 -0.64 -20.44
N LEU C 9 3.21 -0.21 -19.81
CA LEU C 9 2.09 -1.05 -19.55
C LEU C 9 0.93 -0.14 -19.19
N THR C 10 -0.23 -0.46 -19.75
CA THR C 10 -1.48 0.25 -19.47
C THR C 10 -2.43 -0.79 -18.90
N VAL C 11 -3.09 -0.42 -17.80
CA VAL C 11 -3.92 -1.34 -17.05
C VAL C 11 -5.18 -0.58 -16.69
N TRP C 12 -6.25 -1.31 -16.37
CA TRP C 12 -7.49 -0.72 -15.88
C TRP C 12 -7.51 -0.73 -14.37
N GLU C 13 -8.05 0.34 -13.77
CA GLU C 13 -8.29 0.36 -12.31
C GLU C 13 -8.84 -0.97 -11.85
N GLY C 14 -8.22 -1.56 -10.82
CA GLY C 14 -8.73 -2.80 -10.23
C GLY C 14 -7.93 -4.04 -10.59
N GLU C 15 -7.19 -3.98 -11.69
CA GLU C 15 -6.38 -5.10 -12.16
C GLU C 15 -5.13 -5.21 -11.34
N THR C 16 -4.53 -6.40 -11.37
CA THR C 16 -3.23 -6.63 -10.74
C THR C 16 -2.15 -6.33 -11.76
N THR C 17 -1.24 -5.42 -11.40
CA THR C 17 -0.10 -5.06 -12.22
C THR C 17 1.09 -5.89 -11.74
N ILE C 18 1.79 -6.51 -12.70
CA ILE C 18 3.05 -7.23 -12.47
C ILE C 18 4.24 -6.58 -13.19
N LEU C 19 5.22 -6.15 -12.41
CA LEU C 19 6.38 -5.49 -12.95
C LEU C 19 7.61 -6.34 -12.66
N ASN C 20 8.31 -6.77 -13.71
CA ASN C 20 9.38 -7.72 -13.55
C ASN C 20 10.77 -7.09 -13.54
N CYS C 21 11.70 -7.74 -12.87
CA CYS C 21 13.06 -7.29 -12.81
C CYS C 21 13.98 -8.50 -12.64
N SER C 22 15.11 -8.49 -13.33
CA SER C 22 16.12 -9.52 -13.14
C SER C 22 17.51 -8.89 -13.14
N TYR C 23 18.47 -9.59 -12.54
CA TYR C 23 19.84 -9.09 -12.38
C TYR C 23 20.86 -10.19 -12.58
N GLU C 24 22.12 -9.79 -12.79
CA GLU C 24 23.22 -10.74 -13.05
C GLU C 24 24.23 -10.92 -11.90
N ASN C 25 24.33 -9.91 -11.04
CA ASN C 25 25.32 -9.93 -9.98
C ASN C 25 24.74 -10.68 -8.80
N SER C 26 25.27 -11.87 -8.53
CA SER C 26 24.79 -12.69 -7.41
C SER C 26 25.13 -12.06 -6.05
N ALA C 27 25.97 -11.01 -6.09
CA ALA C 27 26.36 -10.24 -4.90
C ALA C 27 25.35 -9.18 -4.44
N PHE C 28 24.28 -8.98 -5.20
CA PHE C 28 23.24 -8.01 -4.85
C PHE C 28 22.40 -8.51 -3.66
N ASP C 29 22.14 -7.64 -2.69
CA ASP C 29 21.46 -8.09 -1.50
C ASP C 29 20.34 -7.17 -1.03
N TYR C 30 20.22 -5.99 -1.66
CA TYR C 30 19.20 -5.00 -1.33
C TYR C 30 18.61 -4.49 -2.63
N PHE C 31 17.30 -4.56 -2.74
CA PHE C 31 16.60 -4.22 -3.97
C PHE C 31 15.48 -3.23 -3.73
N PRO C 32 15.80 -1.92 -3.70
CA PRO C 32 14.70 -0.98 -3.51
C PRO C 32 13.96 -0.70 -4.82
N TRP C 33 12.64 -0.49 -4.74
CA TRP C 33 11.84 0.05 -5.85
C TRP C 33 11.51 1.55 -5.64
N TYR C 34 11.78 2.36 -6.67
CA TYR C 34 11.46 3.80 -6.69
C TYR C 34 10.29 4.11 -7.64
N GLN C 35 9.35 4.90 -7.17
CA GLN C 35 8.19 5.31 -7.92
C GLN C 35 8.35 6.80 -8.32
N GLN C 36 8.23 7.09 -9.61
CA GLN C 36 8.35 8.46 -10.14
C GLN C 36 7.06 8.97 -10.77
N PHE C 37 6.39 9.91 -10.10
CA PHE C 37 5.18 10.53 -10.66
C PHE C 37 5.56 11.61 -11.68
N PRO C 38 4.67 11.90 -12.65
CA PRO C 38 4.96 12.93 -13.68
C PRO C 38 5.41 14.27 -13.12
N GLY C 39 6.37 14.87 -13.81
CA GLY C 39 6.97 16.13 -13.37
C GLY C 39 7.68 16.13 -12.02
N GLU C 40 7.91 14.94 -11.45
CA GLU C 40 8.60 14.80 -10.15
C GLU C 40 9.84 13.91 -10.19
N GLY C 41 10.66 14.01 -9.14
CA GLY C 41 11.80 13.11 -8.92
C GLY C 41 11.30 11.77 -8.41
N PRO C 42 12.09 10.69 -8.67
CA PRO C 42 11.75 9.38 -8.13
C PRO C 42 11.75 9.37 -6.60
N ALA C 43 10.98 8.47 -6.01
CA ALA C 43 10.92 8.36 -4.57
C ALA C 43 10.85 6.89 -4.15
N LEU C 44 11.59 6.54 -3.11
CA LEU C 44 11.57 5.18 -2.57
C LEU C 44 10.17 4.73 -2.20
N LEU C 45 9.78 3.58 -2.73
CA LEU C 45 8.44 3.05 -2.54
C LEU C 45 8.42 1.87 -1.58
N ILE C 46 9.26 0.89 -1.89
CA ILE C 46 9.23 -0.42 -1.23
C ILE C 46 10.54 -1.10 -1.59
N ALA C 47 11.04 -1.91 -0.66
CA ALA C 47 12.35 -2.51 -0.81
C ALA C 47 12.38 -3.89 -0.18
N ILE C 48 13.15 -4.78 -0.77
CA ILE C 48 13.34 -6.08 -0.16
C ILE C 48 14.84 -6.27 -0.04
N ARG C 49 15.24 -7.05 0.97
CA ARG C 49 16.63 -7.49 1.13
C ARG C 49 16.65 -9.00 0.90
N SER C 50 17.79 -9.52 0.42
CA SER C 50 17.87 -10.91 -0.05
C SER C 50 17.65 -11.99 1.04
N VAL C 51 17.69 -11.58 2.30
CA VAL C 51 17.28 -12.43 3.45
C VAL C 51 15.75 -12.78 3.45
N SER C 52 14.96 -12.13 2.59
CA SER C 52 13.49 -12.37 2.54
C SER C 52 12.95 -12.85 1.17
N ASP C 53 11.89 -13.65 1.19
CA ASP C 53 11.19 -14.18 -0.01
C ASP C 53 10.21 -13.13 -0.55
N LYS C 54 9.58 -12.40 0.38
CA LYS C 54 8.64 -11.34 0.00
C LYS C 54 8.49 -10.20 1.01
N LYS C 55 8.11 -9.02 0.50
CA LYS C 55 7.91 -7.82 1.30
C LYS C 55 6.59 -7.21 0.85
N GLU C 56 5.66 -7.12 1.79
CA GLU C 56 4.30 -6.67 1.53
C GLU C 56 4.02 -5.37 2.28
N ASP C 57 3.68 -4.32 1.55
CA ASP C 57 3.29 -3.03 2.12
C ASP C 57 2.00 -2.56 1.46
N GLY C 58 0.88 -2.94 2.07
CA GLY C 58 -0.45 -2.66 1.55
C GLY C 58 -0.71 -3.36 0.22
N ARG C 59 -1.08 -2.57 -0.79
CA ARG C 59 -1.36 -3.08 -2.13
C ARG C 59 -0.08 -3.45 -2.91
N PHE C 60 1.08 -3.16 -2.33
CA PHE C 60 2.37 -3.40 -2.99
C PHE C 60 3.09 -4.61 -2.38
N THR C 61 3.51 -5.54 -3.22
CA THR C 61 4.26 -6.72 -2.78
C THR C 61 5.43 -7.01 -3.72
N ILE C 62 6.63 -7.10 -3.16
CA ILE C 62 7.78 -7.56 -3.92
C ILE C 62 7.92 -9.06 -3.66
N PHE C 63 8.05 -9.85 -4.71
CA PHE C 63 8.40 -11.27 -4.60
C PHE C 63 9.81 -11.43 -5.12
N PHE C 64 10.63 -12.16 -4.37
CA PHE C 64 12.05 -12.22 -4.66
C PHE C 64 12.56 -13.66 -4.80
N ASN C 65 13.17 -13.94 -5.95
CA ASN C 65 13.62 -15.30 -6.27
C ASN C 65 15.13 -15.34 -6.33
N LYS C 66 15.76 -15.53 -5.18
CA LYS C 66 17.22 -15.48 -5.05
C LYS C 66 17.97 -16.41 -6.00
N ARG C 67 17.48 -17.66 -6.14
CA ARG C 67 18.14 -18.63 -7.03
C ARG C 67 18.06 -18.29 -8.53
N GLU C 68 16.90 -17.82 -8.98
CA GLU C 68 16.72 -17.40 -10.37
C GLU C 68 17.20 -15.95 -10.64
N LYS C 69 17.59 -15.24 -9.57
CA LYS C 69 18.06 -13.85 -9.65
C LYS C 69 17.00 -12.95 -10.29
N LYS C 70 15.79 -13.06 -9.75
CA LYS C 70 14.62 -12.44 -10.32
C LYS C 70 13.75 -11.89 -9.20
N LEU C 71 13.05 -10.82 -9.52
CA LEU C 71 12.04 -10.31 -8.62
C LEU C 71 10.94 -9.63 -9.41
N SER C 72 9.86 -9.27 -8.72
CA SER C 72 8.78 -8.57 -9.35
C SER C 72 8.00 -7.79 -8.32
N LEU C 73 7.53 -6.62 -8.72
CA LEU C 73 6.58 -5.86 -7.94
C LEU C 73 5.14 -6.14 -8.42
N HIS C 74 4.28 -6.54 -7.50
CA HIS C 74 2.87 -6.76 -7.82
C HIS C 74 2.06 -5.68 -7.12
N ILE C 75 1.21 -5.02 -7.90
CA ILE C 75 0.26 -4.04 -7.38
C ILE C 75 -1.12 -4.63 -7.49
N THR C 76 -1.69 -4.93 -6.32
CA THR C 76 -3.06 -5.41 -6.21
C THR C 76 -4.00 -4.21 -6.35
N ASP C 77 -5.13 -4.43 -7.03
CA ASP C 77 -6.19 -3.44 -7.13
C ASP C 77 -5.60 -2.11 -7.60
N SER C 78 -4.97 -2.12 -8.77
CA SER C 78 -4.30 -0.96 -9.31
C SER C 78 -5.21 0.28 -9.35
N GLN C 79 -4.65 1.41 -8.92
CA GLN C 79 -5.37 2.69 -8.86
C GLN C 79 -4.84 3.70 -9.90
N PRO C 80 -5.71 4.60 -10.38
CA PRO C 80 -5.22 5.67 -11.27
C PRO C 80 -4.00 6.41 -10.68
N GLY C 81 -4.01 6.64 -9.37
CA GLY C 81 -2.88 7.25 -8.68
C GLY C 81 -1.55 6.47 -8.67
N ASP C 82 -1.60 5.20 -9.10
CA ASP C 82 -0.42 4.34 -9.22
C ASP C 82 0.33 4.60 -10.52
N SER C 83 -0.24 5.42 -11.41
CA SER C 83 0.43 5.72 -12.69
C SER C 83 1.75 6.46 -12.44
N ALA C 84 2.84 5.91 -12.96
CA ALA C 84 4.15 6.40 -12.59
C ALA C 84 5.14 5.55 -13.35
N THR C 85 6.41 5.93 -13.29
CA THR C 85 7.48 5.04 -13.72
C THR C 85 8.08 4.37 -12.49
N TYR C 86 8.25 3.05 -12.59
CA TYR C 86 8.79 2.21 -11.51
C TYR C 86 10.18 1.72 -11.85
N PHE C 87 11.13 2.03 -10.97
CA PHE C 87 12.50 1.61 -11.14
C PHE C 87 12.84 0.54 -10.12
N CYS C 88 13.40 -0.55 -10.63
CA CYS C 88 14.01 -1.60 -9.83
C CYS C 88 15.47 -1.23 -9.67
N ALA C 89 15.97 -1.22 -8.45
CA ALA C 89 17.38 -0.93 -8.21
C ALA C 89 17.96 -2.08 -7.41
N ALA C 90 19.28 -2.13 -7.31
CA ALA C 90 19.98 -3.25 -6.69
C ALA C 90 21.37 -2.84 -6.22
N THR C 91 21.78 -3.42 -5.10
CA THR C 91 23.14 -3.21 -4.60
C THR C 91 23.45 -4.36 -3.63
N GLY C 92 24.73 -4.61 -3.42
CA GLY C 92 25.19 -5.57 -2.42
C GLY C 92 26.25 -4.97 -1.53
N ALA C 93 26.64 -5.69 -0.49
CA ALA C 93 27.74 -5.30 0.39
C ALA C 93 29.04 -5.02 -0.36
N ASN C 94 29.33 -5.81 -1.38
CA ASN C 94 30.57 -5.71 -2.12
C ASN C 94 30.42 -5.15 -3.53
N THR C 95 29.35 -4.39 -3.76
CA THR C 95 29.14 -3.74 -5.05
C THR C 95 29.03 -2.24 -4.83
N GLY C 96 29.55 -1.45 -5.77
CA GLY C 96 29.60 0.00 -5.62
C GLY C 96 28.26 0.62 -5.31
N LYS C 97 27.97 1.71 -6.03
CA LYS C 97 26.82 2.57 -5.80
C LYS C 97 25.54 1.92 -6.35
N LEU C 98 24.37 2.28 -5.80
CA LEU C 98 23.06 1.78 -6.26
C LEU C 98 22.91 1.76 -7.78
N THR C 99 22.34 0.68 -8.31
CA THR C 99 22.28 0.47 -9.75
C THR C 99 20.80 0.36 -10.15
N PHE C 100 20.38 1.25 -11.05
CA PHE C 100 18.99 1.34 -11.48
C PHE C 100 18.74 0.61 -12.80
N GLY C 101 17.63 -0.11 -12.86
CA GLY C 101 17.05 -0.56 -14.13
C GLY C 101 16.48 0.62 -14.91
N HIS C 102 16.08 0.38 -16.16
CA HIS C 102 15.61 1.44 -17.03
C HIS C 102 14.17 1.87 -16.76
N GLY C 103 13.48 1.10 -15.91
CA GLY C 103 12.14 1.46 -15.48
C GLY C 103 11.04 0.85 -16.32
N THR C 104 9.83 0.85 -15.77
CA THR C 104 8.61 0.47 -16.48
C THR C 104 7.64 1.61 -16.26
N ILE C 105 7.19 2.21 -17.37
CA ILE C 105 6.16 3.25 -17.31
C ILE C 105 4.82 2.57 -17.13
N LEU C 106 4.11 2.87 -16.03
CA LEU C 106 2.78 2.33 -15.81
C LEU C 106 1.68 3.40 -15.96
N ARG C 107 0.66 3.09 -16.76
CA ARG C 107 -0.53 3.94 -16.90
C ARG C 107 -1.78 3.20 -16.44
N VAL C 108 -2.53 3.75 -15.49
CA VAL C 108 -3.74 3.09 -14.99
C VAL C 108 -4.98 3.92 -15.38
N HIS C 109 -5.86 3.32 -16.22
CA HIS C 109 -7.08 4.01 -16.65
C HIS C 109 -8.09 3.95 -15.52
N PRO C 110 -8.75 5.10 -15.22
CA PRO C 110 -9.76 5.01 -14.18
C PRO C 110 -10.97 4.24 -14.71
N ASN C 111 -11.70 3.58 -13.81
CA ASN C 111 -12.89 2.84 -14.13
C ASN C 111 -13.95 3.75 -14.79
N ILE C 112 -14.67 3.22 -15.78
CA ILE C 112 -15.77 3.97 -16.38
C ILE C 112 -17.09 3.39 -15.94
N GLN C 113 -17.86 4.23 -15.27
CA GLN C 113 -19.08 3.80 -14.58
C GLN C 113 -20.24 3.56 -15.52
N ASN C 114 -20.49 4.54 -16.39
CA ASN C 114 -21.48 4.46 -17.46
C ASN C 114 -20.81 4.86 -18.78
N PRO C 115 -20.22 3.88 -19.49
CA PRO C 115 -19.50 4.20 -20.72
C PRO C 115 -20.33 5.01 -21.74
N ASP C 116 -19.70 6.02 -22.32
CA ASP C 116 -20.38 6.91 -23.24
C ASP C 116 -19.41 7.28 -24.33
N PRO C 117 -18.99 6.29 -25.15
CA PRO C 117 -18.07 6.62 -26.22
C PRO C 117 -18.76 7.55 -27.22
N ALA C 118 -18.11 8.68 -27.52
CA ALA C 118 -18.73 9.74 -28.31
C ALA C 118 -17.63 10.58 -28.91
N VAL C 119 -17.84 11.07 -30.14
CA VAL C 119 -16.86 11.92 -30.79
C VAL C 119 -17.56 13.21 -31.14
N TYR C 120 -17.02 14.32 -30.62
CA TYR C 120 -17.56 15.64 -30.90
C TYR C 120 -16.56 16.54 -31.65
N GLN C 121 -17.04 17.41 -32.51
CA GLN C 121 -16.12 18.34 -33.21
C GLN C 121 -16.29 19.69 -32.57
N LEU C 122 -15.17 20.27 -32.15
CA LEU C 122 -15.16 21.57 -31.51
C LEU C 122 -14.50 22.59 -32.43
N ARG C 123 -15.05 23.80 -32.44
CA ARG C 123 -14.50 24.91 -33.20
C ARG C 123 -13.73 25.87 -32.31
N ASP C 124 -12.77 26.53 -32.94
CA ASP C 124 -11.93 27.50 -32.26
C ASP C 124 -12.79 28.69 -31.86
N SER C 125 -12.62 29.16 -30.62
CA SER C 125 -13.35 30.35 -30.14
C SER C 125 -12.99 31.55 -30.99
N LYS C 126 -11.77 31.56 -31.52
CA LYS C 126 -11.29 32.60 -32.42
C LYS C 126 -11.63 32.13 -33.82
N SER C 127 -12.24 33.00 -34.63
CA SER C 127 -12.70 32.57 -35.95
C SER C 127 -11.52 32.01 -36.76
N SER C 128 -11.58 30.71 -37.09
CA SER C 128 -10.58 30.06 -37.97
C SER C 128 -11.12 28.73 -38.60
N ASP C 129 -10.22 28.02 -39.30
CA ASP C 129 -10.54 26.76 -40.01
C ASP C 129 -10.19 25.53 -39.16
N LYS C 130 -9.69 25.79 -37.95
CA LYS C 130 -9.22 24.78 -37.02
C LYS C 130 -10.40 24.17 -36.30
N SER C 131 -10.28 22.87 -36.03
CA SER C 131 -11.23 22.15 -35.24
C SER C 131 -10.50 21.04 -34.49
N VAL C 132 -11.17 20.53 -33.47
CA VAL C 132 -10.63 19.48 -32.63
C VAL C 132 -11.72 18.42 -32.58
N CYS C 133 -11.34 17.14 -32.69
CA CYS C 133 -12.24 16.01 -32.42
C CYS C 133 -11.95 15.46 -31.03
N LEU C 134 -12.94 15.51 -30.15
CA LEU C 134 -12.81 15.02 -28.79
C LEU C 134 -13.53 13.69 -28.71
N PHE C 135 -12.81 12.64 -28.30
CA PHE C 135 -13.34 11.28 -28.20
C PHE C 135 -13.38 10.90 -26.72
N THR C 136 -14.58 10.91 -26.15
CA THR C 136 -14.78 10.60 -24.75
C THR C 136 -14.92 9.10 -24.65
N ASP C 137 -14.43 8.50 -23.57
CA ASP C 137 -14.49 7.04 -23.36
C ASP C 137 -14.03 6.24 -24.58
N PHE C 138 -12.95 6.72 -25.22
CA PHE C 138 -12.48 6.11 -26.46
C PHE C 138 -11.97 4.67 -26.27
N ASP C 139 -11.74 4.30 -25.01
CA ASP C 139 -11.08 3.04 -24.70
C ASP C 139 -12.04 2.09 -23.96
N SER C 140 -13.34 2.39 -24.01
CA SER C 140 -14.29 1.70 -23.13
C SER C 140 -14.63 0.25 -23.45
N GLN C 141 -14.26 -0.21 -24.66
CA GLN C 141 -14.40 -1.65 -25.05
C GLN C 141 -14.72 -1.79 -26.53
N THR C 142 -15.86 -2.43 -26.85
CA THR C 142 -16.40 -2.45 -28.22
C THR C 142 -17.89 -2.70 -28.20
N SER C 147 -5.72 -5.30 -28.53
CA SER C 147 -4.99 -4.27 -29.30
C SER C 147 -4.96 -2.92 -28.56
N LYS C 148 -3.93 -2.12 -28.86
CA LYS C 148 -3.58 -0.94 -28.03
C LYS C 148 -4.55 0.26 -28.07
N ASP C 149 -4.35 1.21 -27.16
CA ASP C 149 -5.18 2.41 -27.16
C ASP C 149 -5.08 3.25 -28.44
N SER C 150 -3.87 3.39 -28.98
CA SER C 150 -3.62 4.27 -30.14
C SER C 150 -4.19 3.73 -31.44
N ASP C 151 -4.69 2.50 -31.40
CA ASP C 151 -5.28 1.88 -32.60
C ASP C 151 -6.65 2.52 -32.94
N VAL C 152 -7.22 3.29 -32.01
CA VAL C 152 -8.46 4.10 -32.33
C VAL C 152 -8.25 5.05 -33.50
N TYR C 153 -6.98 5.41 -33.78
CA TYR C 153 -6.63 6.48 -34.76
C TYR C 153 -6.34 5.99 -36.17
N ILE C 154 -6.83 6.74 -37.14
CA ILE C 154 -6.27 6.64 -38.47
C ILE C 154 -4.91 7.37 -38.45
N THR C 155 -3.87 6.66 -38.86
CA THR C 155 -2.53 7.14 -38.78
C THR C 155 -1.91 7.40 -40.18
N ASP C 156 -2.73 7.27 -41.24
CA ASP C 156 -2.46 7.88 -42.56
C ASP C 156 -1.85 9.28 -42.30
N ALA C 157 -0.91 9.77 -43.10
CA ALA C 157 -0.98 9.80 -44.55
C ALA C 157 -2.01 10.89 -44.82
N THR C 158 -3.14 10.49 -45.41
CA THR C 158 -4.24 11.36 -45.82
C THR C 158 -5.03 12.09 -44.72
N VAL C 159 -4.90 11.68 -43.45
CA VAL C 159 -5.82 12.24 -42.42
C VAL C 159 -5.60 13.74 -42.21
N LEU C 160 -4.37 14.19 -42.43
CA LEU C 160 -3.95 15.56 -42.13
C LEU C 160 -4.42 15.99 -40.74
N ASP C 161 -3.93 15.30 -39.71
CA ASP C 161 -4.24 15.69 -38.35
C ASP C 161 -3.06 15.49 -37.39
N MET C 162 -3.26 15.94 -36.15
CA MET C 162 -2.37 15.63 -35.04
C MET C 162 -3.19 14.94 -33.97
N ARG C 163 -2.55 14.08 -33.18
CA ARG C 163 -3.26 13.09 -32.38
C ARG C 163 -2.65 13.08 -31.01
N SER C 164 -3.47 13.09 -29.97
CA SER C 164 -2.99 12.98 -28.60
C SER C 164 -4.00 12.35 -27.68
N MET C 165 -3.60 11.31 -26.93
CA MET C 165 -4.49 10.59 -26.02
C MET C 165 -4.22 10.94 -24.59
N ASP C 166 -5.28 10.91 -23.78
CA ASP C 166 -5.19 11.24 -22.38
C ASP C 166 -5.72 10.06 -21.58
N PHE C 167 -4.82 9.18 -21.15
CA PHE C 167 -5.19 7.96 -20.46
C PHE C 167 -5.89 8.25 -19.15
N LYS C 168 -5.60 9.42 -18.56
CA LYS C 168 -6.08 9.82 -17.25
C LYS C 168 -7.59 10.09 -17.21
N SER C 169 -8.13 10.52 -18.35
CA SER C 169 -9.53 10.86 -18.51
C SER C 169 -10.21 9.98 -19.57
N ASN C 170 -9.53 8.92 -20.04
CA ASN C 170 -10.09 7.97 -21.01
C ASN C 170 -10.60 8.72 -22.20
N SER C 171 -9.86 9.76 -22.64
CA SER C 171 -10.23 10.57 -23.80
C SER C 171 -9.07 10.70 -24.77
N ALA C 172 -9.40 11.05 -26.00
CA ALA C 172 -8.41 11.30 -27.00
C ALA C 172 -8.88 12.48 -27.82
N VAL C 173 -7.93 13.20 -28.43
CA VAL C 173 -8.27 14.24 -29.39
C VAL C 173 -7.49 14.07 -30.67
N ALA C 174 -8.02 14.61 -31.74
CA ALA C 174 -7.26 14.78 -32.96
C ALA C 174 -7.64 16.16 -33.47
N TRP C 175 -6.71 16.84 -34.10
CA TRP C 175 -7.03 18.16 -34.60
C TRP C 175 -6.38 18.42 -35.94
N SER C 176 -6.95 19.41 -36.64
CA SER C 176 -6.62 19.72 -38.00
C SER C 176 -6.80 21.24 -38.19
N ASN C 177 -6.11 21.80 -39.19
CA ASN C 177 -6.46 23.14 -39.66
C ASN C 177 -7.10 23.17 -41.02
N LYS C 178 -7.61 22.00 -41.44
CA LYS C 178 -8.29 21.84 -42.70
C LYS C 178 -9.79 21.94 -42.48
N SER C 179 -10.43 22.87 -43.20
CA SER C 179 -11.84 23.15 -42.99
C SER C 179 -12.72 21.95 -43.35
N ASP C 180 -12.22 21.03 -44.17
CA ASP C 180 -13.00 19.84 -44.50
C ASP C 180 -12.76 18.64 -43.55
N PHE C 181 -12.12 18.89 -42.40
CA PHE C 181 -11.81 17.84 -41.43
C PHE C 181 -13.11 17.34 -40.82
N ALA C 182 -13.27 16.03 -40.80
CA ALA C 182 -14.49 15.40 -40.35
C ALA C 182 -14.06 14.26 -39.43
N CYS C 183 -14.66 14.21 -38.25
CA CYS C 183 -14.22 13.31 -37.20
C CYS C 183 -14.29 11.82 -37.56
N ALA C 184 -15.24 11.39 -38.42
CA ALA C 184 -15.27 9.97 -38.83
C ALA C 184 -14.01 9.48 -39.55
N ASN C 185 -13.25 10.39 -40.17
CA ASN C 185 -12.06 10.00 -40.93
C ASN C 185 -10.82 9.96 -40.06
N ALA C 186 -10.96 10.43 -38.83
CA ALA C 186 -9.83 10.53 -37.92
C ALA C 186 -9.67 9.21 -37.14
N PHE C 187 -10.73 8.41 -37.15
CA PHE C 187 -10.81 7.21 -36.31
C PHE C 187 -11.07 5.91 -37.09
N ASN C 188 -10.50 4.81 -36.62
CA ASN C 188 -10.70 3.49 -37.26
C ASN C 188 -12.03 2.97 -36.76
N ASN C 189 -13.08 3.11 -37.58
CA ASN C 189 -14.44 2.73 -37.14
C ASN C 189 -14.56 1.20 -36.90
N SER C 190 -13.63 0.43 -37.45
CA SER C 190 -13.65 -1.03 -37.28
C SER C 190 -13.35 -1.44 -35.83
N ILE C 191 -12.60 -0.60 -35.10
CA ILE C 191 -12.08 -1.05 -33.80
C ILE C 191 -12.52 -0.25 -32.60
N ILE C 192 -12.97 0.99 -32.80
CA ILE C 192 -13.42 1.81 -31.67
C ILE C 192 -14.65 1.18 -31.00
N PRO C 193 -15.02 1.62 -29.78
CA PRO C 193 -16.20 0.98 -29.13
C PRO C 193 -17.44 0.93 -30.03
N GLU C 194 -18.19 -0.15 -29.96
CA GLU C 194 -19.20 -0.43 -31.00
C GLU C 194 -20.35 0.57 -30.97
N ASP C 195 -20.65 1.12 -29.81
CA ASP C 195 -21.74 2.05 -29.84
C ASP C 195 -21.28 3.51 -29.75
N THR C 196 -20.14 3.81 -30.39
CA THR C 196 -19.62 5.20 -30.46
C THR C 196 -20.64 6.14 -31.12
N PHE C 197 -20.95 7.22 -30.43
CA PHE C 197 -21.92 8.21 -30.84
C PHE C 197 -21.22 9.29 -31.66
N PHE C 198 -21.70 9.57 -32.89
CA PHE C 198 -21.19 10.67 -33.72
C PHE C 198 -22.33 11.64 -34.05
N PRO C 199 -22.72 12.48 -33.09
CA PRO C 199 -23.77 13.49 -33.34
C PRO C 199 -23.31 14.51 -34.38
N SER C 200 -24.22 14.94 -35.25
CA SER C 200 -23.94 16.00 -36.21
C SER C 200 -24.99 17.06 -35.99
N MET D 1 11.91 17.61 5.29
CA MET D 1 12.68 18.45 4.33
C MET D 1 12.88 17.74 2.97
N LYS D 2 13.52 18.43 2.04
CA LYS D 2 13.49 18.06 0.64
C LYS D 2 14.79 18.47 -0.04
N VAL D 3 14.94 18.02 -1.28
CA VAL D 3 16.05 18.41 -2.15
C VAL D 3 15.52 19.44 -3.15
N THR D 4 16.27 20.52 -3.33
CA THR D 4 15.87 21.57 -4.24
C THR D 4 16.83 21.62 -5.43
N GLN D 5 16.33 22.07 -6.58
CA GLN D 5 17.17 22.26 -7.76
C GLN D 5 16.86 23.56 -8.43
N MET D 6 17.91 24.28 -8.83
CA MET D 6 17.76 25.48 -9.64
C MET D 6 18.76 25.54 -10.80
N PRO D 7 18.31 25.98 -12.01
CA PRO D 7 16.90 26.29 -12.35
C PRO D 7 16.13 25.03 -12.74
N ARG D 8 14.86 25.19 -13.07
CA ARG D 8 14.00 24.07 -13.41
C ARG D 8 14.01 23.81 -14.90
N TYR D 9 14.28 24.87 -15.66
CA TYR D 9 14.28 24.79 -17.12
C TYR D 9 15.45 25.57 -17.62
N LEU D 10 16.08 25.02 -18.65
CA LEU D 10 17.28 25.60 -19.21
C LEU D 10 17.33 25.33 -20.70
N ILE D 11 17.64 26.35 -21.47
CA ILE D 11 17.89 26.25 -22.89
C ILE D 11 19.21 26.93 -23.19
N LYS D 12 20.17 26.16 -23.71
CA LYS D 12 21.50 26.63 -24.01
C LYS D 12 21.88 26.23 -25.42
N ARG D 13 22.77 26.99 -26.03
CA ARG D 13 23.32 26.64 -27.33
C ARG D 13 24.56 25.79 -27.08
N MET D 14 24.75 24.77 -27.91
CA MET D 14 25.98 23.96 -27.82
C MET D 14 27.25 24.82 -27.75
N GLY D 15 28.22 24.39 -26.96
CA GLY D 15 29.43 25.15 -26.73
C GLY D 15 29.43 25.99 -25.47
N GLU D 16 28.25 26.34 -24.99
CA GLU D 16 28.11 27.18 -23.79
C GLU D 16 28.35 26.44 -22.47
N ASN D 17 28.81 27.20 -21.48
CA ASN D 17 28.98 26.76 -20.11
C ASN D 17 27.62 26.61 -19.42
N VAL D 18 27.38 25.48 -18.75
CA VAL D 18 26.12 25.33 -18.00
C VAL D 18 26.33 24.89 -16.54
N LEU D 19 25.58 25.50 -15.64
CA LEU D 19 25.72 25.26 -14.22
C LEU D 19 24.36 24.84 -13.65
N LEU D 20 24.29 23.68 -13.00
CA LEU D 20 23.07 23.20 -12.35
C LEU D 20 23.29 23.11 -10.84
N GLU D 21 22.33 23.59 -10.06
CA GLU D 21 22.51 23.73 -8.63
C GLU D 21 21.52 22.90 -7.85
N CYS D 22 21.98 22.40 -6.70
CA CYS D 22 21.16 21.54 -5.86
C CYS D 22 21.35 21.91 -4.41
N GLY D 23 20.25 21.91 -3.66
CA GLY D 23 20.32 22.19 -2.24
C GLY D 23 19.58 21.16 -1.46
N GLN D 24 19.83 21.12 -0.16
CA GLN D 24 19.31 20.07 0.70
C GLN D 24 19.60 20.53 2.15
N ASP D 25 18.56 20.58 2.99
CA ASP D 25 18.73 21.09 4.36
C ASP D 25 18.60 20.01 5.44
N MET D 26 18.67 18.76 5.01
CA MET D 26 18.56 17.59 5.87
C MET D 26 19.89 17.14 6.45
N SER D 27 20.94 17.95 6.22
CA SER D 27 22.33 17.65 6.59
C SER D 27 22.79 16.25 6.12
N HIS D 28 22.41 15.91 4.89
CA HIS D 28 22.81 14.66 4.27
C HIS D 28 24.26 14.67 3.81
N GLU D 29 24.96 13.61 4.14
CA GLU D 29 26.40 13.54 3.89
C GLU D 29 26.69 13.30 2.40
N THR D 30 25.86 12.47 1.77
CA THR D 30 26.03 12.02 0.39
C THR D 30 25.09 12.73 -0.57
N MET D 31 25.62 13.14 -1.71
CA MET D 31 24.80 13.70 -2.78
C MET D 31 25.16 13.13 -4.17
N TYR D 32 24.21 13.20 -5.09
CA TYR D 32 24.28 12.51 -6.37
C TYR D 32 23.79 13.41 -7.50
N TRP D 33 24.36 13.21 -8.70
CA TRP D 33 23.76 13.75 -9.92
C TRP D 33 23.49 12.65 -10.92
N TYR D 34 22.26 12.60 -11.40
CA TYR D 34 21.81 11.61 -12.37
C TYR D 34 21.32 12.33 -13.62
N ARG D 35 21.35 11.67 -14.77
CA ARG D 35 20.49 12.12 -15.86
C ARG D 35 19.49 11.02 -16.21
N GLN D 36 18.35 11.46 -16.70
CA GLN D 36 17.30 10.55 -17.09
C GLN D 36 16.86 10.81 -18.54
N ASP D 37 17.08 9.81 -19.39
CA ASP D 37 16.70 9.89 -20.79
C ASP D 37 15.66 8.83 -21.10
N PRO D 38 14.74 9.12 -22.04
CA PRO D 38 13.74 8.12 -22.43
C PRO D 38 14.35 6.75 -22.71
N GLY D 39 13.82 5.74 -22.01
CA GLY D 39 14.18 4.34 -22.27
C GLY D 39 15.49 3.86 -21.66
N LEU D 40 16.43 4.78 -21.44
CA LEU D 40 17.55 4.56 -20.53
C LEU D 40 16.96 4.90 -19.15
N GLY D 41 17.62 4.56 -18.06
CA GLY D 41 16.92 4.81 -16.79
C GLY D 41 17.33 6.10 -16.14
N LEU D 42 17.76 5.99 -14.88
CA LEU D 42 18.50 7.03 -14.22
C LEU D 42 19.95 6.62 -14.28
N GLN D 43 20.78 7.49 -14.85
CA GLN D 43 22.19 7.18 -15.02
C GLN D 43 23.01 8.09 -14.13
N LEU D 44 23.84 7.49 -13.28
CA LEU D 44 24.64 8.27 -12.34
C LEU D 44 25.85 8.91 -13.02
N ILE D 45 26.01 10.22 -12.81
CA ILE D 45 27.13 10.98 -13.43
C ILE D 45 28.29 11.16 -12.46
N TYR D 46 27.97 11.65 -11.26
CA TYR D 46 28.90 11.79 -10.13
C TYR D 46 28.22 11.55 -8.79
N ILE D 47 28.97 10.96 -7.85
CA ILE D 47 28.53 10.89 -6.47
C ILE D 47 29.44 11.74 -5.60
N SER D 48 28.89 12.34 -4.54
CA SER D 48 29.69 13.05 -3.53
C SER D 48 29.46 12.55 -2.11
N TYR D 49 30.48 11.96 -1.50
CA TYR D 49 30.40 11.35 -0.17
C TYR D 49 30.70 12.33 0.97
N ASP D 50 31.39 13.44 0.63
CA ASP D 50 31.72 14.48 1.60
C ASP D 50 32.26 15.67 0.81
N VAL D 51 32.38 16.81 1.49
CA VAL D 51 33.00 17.99 0.90
C VAL D 51 34.32 17.56 0.23
N ASP D 52 34.41 17.86 -1.07
CA ASP D 52 35.60 17.55 -1.89
C ASP D 52 35.98 16.07 -1.94
N SER D 53 34.99 15.18 -1.88
CA SER D 53 35.25 13.74 -2.06
C SER D 53 34.24 13.22 -3.07
N ASN D 54 34.44 13.64 -4.31
CA ASN D 54 33.54 13.30 -5.40
C ASN D 54 34.10 12.12 -6.18
N SER D 55 33.24 11.17 -6.46
CA SER D 55 33.59 9.95 -7.18
C SER D 55 32.78 9.90 -8.48
N GLU D 56 33.44 9.51 -9.57
CA GLU D 56 32.82 9.29 -10.87
C GLU D 56 31.71 8.25 -10.78
N GLY D 57 30.56 8.55 -11.37
CA GLY D 57 29.49 7.56 -11.53
C GLY D 57 29.76 6.83 -12.81
N ASP D 58 28.71 6.34 -13.46
CA ASP D 58 28.87 5.57 -14.68
C ASP D 58 29.16 6.40 -15.92
N ILE D 59 28.62 7.61 -15.99
CA ILE D 59 28.76 8.43 -17.20
C ILE D 59 29.32 9.84 -16.91
N PRO D 60 30.55 9.92 -16.35
CA PRO D 60 31.13 11.21 -15.95
C PRO D 60 31.50 12.12 -17.12
N LYS D 61 31.60 11.55 -18.32
CA LYS D 61 31.58 12.26 -19.63
C LYS D 61 32.35 13.56 -19.64
N GLY D 62 31.71 14.58 -20.21
CA GLY D 62 32.11 15.97 -20.08
C GLY D 62 31.18 16.61 -19.06
N TYR D 63 31.29 16.14 -17.83
CA TYR D 63 30.65 16.71 -16.67
C TYR D 63 31.73 16.90 -15.63
N ARG D 64 31.61 17.95 -14.84
CA ARG D 64 32.43 18.17 -13.68
C ARG D 64 31.51 18.51 -12.53
N VAL D 65 31.97 18.34 -11.29
CA VAL D 65 31.10 18.56 -10.13
C VAL D 65 31.82 19.36 -9.02
N SER D 66 31.01 20.08 -8.23
CA SER D 66 31.52 20.87 -7.12
C SER D 66 30.75 20.62 -5.81
N ARG D 67 31.49 20.24 -4.77
CA ARG D 67 30.92 20.08 -3.45
C ARG D 67 31.80 20.82 -2.41
N LYS D 68 31.43 22.05 -2.07
CA LYS D 68 32.19 22.90 -1.15
C LYS D 68 31.54 23.02 0.22
N LYS D 69 30.21 22.93 0.25
CA LYS D 69 29.45 22.87 1.49
C LYS D 69 28.65 21.59 1.48
N ARG D 70 28.24 21.13 2.66
CA ARG D 70 27.51 19.88 2.79
C ARG D 70 26.13 19.96 2.13
N GLU D 71 25.51 21.14 2.20
CA GLU D 71 24.15 21.41 1.72
C GLU D 71 23.97 21.62 0.21
N HIS D 72 25.06 21.77 -0.53
CA HIS D 72 25.00 22.08 -1.98
C HIS D 72 25.85 21.14 -2.84
N PHE D 73 25.37 20.84 -4.05
CA PHE D 73 26.10 20.01 -5.01
C PHE D 73 25.88 20.56 -6.41
N SER D 74 26.95 20.97 -7.09
CA SER D 74 26.85 21.62 -8.39
C SER D 74 27.28 20.73 -9.53
N LEU D 75 26.54 20.80 -10.63
CA LEU D 75 26.87 20.08 -11.87
C LEU D 75 27.28 21.07 -12.97
N ILE D 76 28.44 20.85 -13.56
CA ILE D 76 29.04 21.79 -14.46
C ILE D 76 29.29 21.14 -15.80
N LEU D 77 28.82 21.80 -16.86
CA LEU D 77 29.13 21.38 -18.22
C LEU D 77 29.95 22.53 -18.79
N ASP D 78 31.25 22.30 -18.97
CA ASP D 78 32.15 23.36 -19.47
C ASP D 78 31.80 23.77 -20.91
N SER D 79 31.40 22.79 -21.72
CA SER D 79 31.16 23.02 -23.13
C SER D 79 30.08 22.06 -23.58
N ALA D 80 28.83 22.52 -23.51
CA ALA D 80 27.64 21.71 -23.68
C ALA D 80 27.47 21.14 -25.08
N LYS D 81 27.07 19.87 -25.13
CA LYS D 81 26.83 19.14 -26.36
C LYS D 81 25.35 18.85 -26.48
N THR D 82 24.85 18.71 -27.71
CA THR D 82 23.41 18.45 -27.89
C THR D 82 22.96 17.17 -27.20
N ASN D 83 23.84 16.17 -27.13
CA ASN D 83 23.49 14.90 -26.47
C ASN D 83 23.45 14.97 -24.94
N GLN D 84 23.69 16.18 -24.41
CA GLN D 84 23.51 16.45 -22.98
C GLN D 84 22.12 17.05 -22.69
N THR D 85 21.31 17.18 -23.72
CA THR D 85 19.88 17.47 -23.56
C THR D 85 19.29 16.32 -22.75
N SER D 86 18.68 16.63 -21.60
CA SER D 86 18.20 15.58 -20.72
C SER D 86 17.46 16.22 -19.54
N VAL D 87 16.89 15.37 -18.71
CA VAL D 87 16.38 15.82 -17.42
C VAL D 87 17.41 15.36 -16.39
N TYR D 88 17.92 16.31 -15.61
CA TYR D 88 18.94 16.06 -14.59
C TYR D 88 18.35 16.05 -13.19
N PHE D 89 18.62 14.99 -12.42
CA PHE D 89 18.13 14.86 -11.04
C PHE D 89 19.28 14.80 -10.04
N CYS D 90 19.26 15.72 -9.07
CA CYS D 90 20.09 15.66 -7.88
C CYS D 90 19.41 14.76 -6.85
N ALA D 91 20.19 14.10 -6.00
CA ALA D 91 19.66 13.34 -4.86
C ALA D 91 20.57 13.44 -3.64
N SER D 92 20.08 12.97 -2.51
CA SER D 92 20.88 12.96 -1.29
C SER D 92 20.48 11.79 -0.42
N SER D 93 21.43 11.27 0.34
CA SER D 93 21.12 10.21 1.29
C SER D 93 21.89 10.43 2.57
N LEU D 94 21.33 9.93 3.65
CA LEU D 94 21.95 9.98 4.95
C LEU D 94 22.97 8.85 4.93
N ALA D 95 24.25 9.22 4.75
CA ALA D 95 25.41 8.34 4.49
C ALA D 95 25.47 7.84 3.01
N GLY D 96 26.65 7.32 2.62
CA GLY D 96 27.04 7.08 1.21
C GLY D 96 26.62 5.82 0.47
N THR D 97 26.50 4.70 1.19
CA THR D 97 25.96 3.46 0.64
C THR D 97 24.51 3.67 0.25
N GLY D 98 23.79 2.55 0.17
CA GLY D 98 22.35 2.68 0.15
C GLY D 98 21.68 1.48 -0.45
N ASN D 99 21.14 0.57 0.37
CA ASN D 99 21.05 0.62 1.85
C ASN D 99 20.32 1.81 2.49
N TYR D 100 20.38 2.95 1.81
CA TYR D 100 19.94 4.25 2.31
C TYR D 100 19.09 4.85 1.25
N GLU D 101 17.89 5.28 1.66
CA GLU D 101 16.94 5.99 0.80
C GLU D 101 17.62 7.20 0.21
N GLN D 102 17.49 7.36 -1.10
CA GLN D 102 17.90 8.54 -1.83
C GLN D 102 16.67 9.44 -2.03
N TYR D 103 16.83 10.70 -1.64
CA TYR D 103 15.80 11.73 -1.77
C TYR D 103 16.12 12.60 -2.99
N PHE D 104 15.17 12.67 -3.93
CA PHE D 104 15.42 13.26 -5.23
C PHE D 104 14.84 14.67 -5.32
N GLY D 105 15.55 15.54 -6.03
CA GLY D 105 15.10 16.86 -6.32
C GLY D 105 14.04 16.81 -7.40
N PRO D 106 13.43 17.97 -7.71
CA PRO D 106 12.39 18.03 -8.73
C PRO D 106 12.87 17.91 -10.21
N GLY D 107 14.16 17.96 -10.45
CA GLY D 107 14.67 17.83 -11.82
C GLY D 107 14.91 19.20 -12.48
N THR D 108 15.84 19.21 -13.43
CA THR D 108 16.11 20.33 -14.31
C THR D 108 16.06 19.78 -15.74
N ARG D 109 15.18 20.35 -16.57
CA ARG D 109 15.09 19.96 -17.97
C ARG D 109 16.00 20.91 -18.76
N LEU D 110 17.05 20.34 -19.34
CA LEU D 110 18.03 21.09 -20.08
C LEU D 110 17.94 20.71 -21.55
N THR D 111 17.80 21.70 -22.42
CA THR D 111 17.94 21.45 -23.84
C THR D 111 19.16 22.18 -24.32
N VAL D 112 20.01 21.42 -25.01
CA VAL D 112 21.15 22.01 -25.65
C VAL D 112 20.85 21.89 -27.12
N THR D 113 20.83 23.04 -27.80
CA THR D 113 20.44 23.12 -29.19
C THR D 113 21.61 23.63 -30.03
N GLU D 114 21.67 23.16 -31.28
CA GLU D 114 22.60 23.63 -32.30
C GLU D 114 22.61 25.14 -32.51
N ASP D 115 21.45 25.76 -32.45
CA ASP D 115 21.30 27.16 -32.83
C ASP D 115 20.03 27.67 -32.16
N LEU D 116 20.12 28.85 -31.57
CA LEU D 116 18.96 29.36 -30.81
C LEU D 116 17.77 29.72 -31.71
N LYS D 117 18.00 29.78 -33.03
CA LYS D 117 16.90 29.97 -34.00
C LYS D 117 15.93 28.79 -34.06
N ASN D 118 16.27 27.69 -33.37
CA ASN D 118 15.36 26.56 -33.16
C ASN D 118 14.33 26.83 -32.07
N VAL D 119 14.51 27.90 -31.29
CA VAL D 119 13.60 28.19 -30.18
C VAL D 119 12.37 28.99 -30.64
N PHE D 120 11.18 28.52 -30.24
CA PHE D 120 9.90 29.13 -30.60
C PHE D 120 8.92 29.07 -29.43
N PRO D 121 8.22 30.18 -29.16
CA PRO D 121 7.16 30.12 -28.14
C PRO D 121 5.94 29.33 -28.61
N PRO D 122 5.04 28.95 -27.71
CA PRO D 122 3.84 28.28 -28.20
C PRO D 122 2.84 29.21 -28.86
N GLU D 123 2.07 28.70 -29.82
CA GLU D 123 0.77 29.32 -30.13
C GLU D 123 -0.30 28.58 -29.32
N VAL D 124 -1.30 29.33 -28.84
CA VAL D 124 -2.35 28.77 -27.97
C VAL D 124 -3.74 29.07 -28.55
N ALA D 125 -4.58 28.04 -28.56
CA ALA D 125 -5.99 28.18 -28.98
C ALA D 125 -6.91 27.45 -28.03
N VAL D 126 -8.09 28.03 -27.77
CA VAL D 126 -9.14 27.37 -26.99
C VAL D 126 -10.28 27.04 -27.96
N PHE D 127 -10.86 25.88 -27.79
CA PHE D 127 -11.93 25.39 -28.63
C PHE D 127 -13.15 25.28 -27.74
N GLU D 128 -14.26 25.84 -28.21
CA GLU D 128 -15.47 25.91 -27.45
C GLU D 128 -16.16 24.54 -27.36
N PRO D 129 -16.91 24.28 -26.27
CA PRO D 129 -17.62 23.02 -26.10
C PRO D 129 -18.59 22.75 -27.25
N SER D 130 -18.71 21.49 -27.63
CA SER D 130 -19.66 21.05 -28.59
C SER D 130 -21.07 21.17 -28.02
N GLU D 131 -21.98 21.80 -28.77
CA GLU D 131 -23.39 21.78 -28.38
C GLU D 131 -23.93 20.35 -28.33
N ALA D 132 -23.43 19.44 -29.17
CA ALA D 132 -23.88 18.04 -29.06
C ALA D 132 -23.53 17.38 -27.72
N GLU D 133 -22.35 17.65 -27.20
CA GLU D 133 -21.95 17.13 -25.89
C GLU D 133 -22.83 17.71 -24.75
N ILE D 134 -23.02 19.03 -24.78
CA ILE D 134 -23.92 19.71 -23.83
C ILE D 134 -25.27 19.08 -23.83
N SER D 135 -25.82 18.89 -25.02
CA SER D 135 -27.13 18.30 -25.16
C SER D 135 -27.18 16.84 -24.68
N HIS D 136 -26.13 16.07 -24.95
CA HIS D 136 -26.12 14.63 -24.65
C HIS D 136 -25.83 14.36 -23.16
N THR D 137 -25.02 15.22 -22.55
CA THR D 137 -24.46 14.94 -21.22
C THR D 137 -24.63 16.05 -20.17
N GLN D 138 -25.17 17.21 -20.55
CA GLN D 138 -25.28 18.40 -19.66
C GLN D 138 -23.95 18.84 -19.06
N LYS D 139 -22.85 18.46 -19.73
CA LYS D 139 -21.51 18.96 -19.42
C LYS D 139 -20.82 19.51 -20.68
N ALA D 140 -19.80 20.34 -20.48
CA ALA D 140 -19.21 21.17 -21.53
C ALA D 140 -17.71 21.08 -21.38
N THR D 141 -17.05 20.49 -22.36
CA THR D 141 -15.59 20.34 -22.31
C THR D 141 -14.94 21.29 -23.31
N LEU D 142 -14.08 22.17 -22.80
CA LEU D 142 -13.28 23.07 -23.61
C LEU D 142 -11.98 22.35 -23.84
N VAL D 143 -11.34 22.62 -24.95
CA VAL D 143 -10.05 22.00 -25.18
C VAL D 143 -9.09 23.16 -25.48
N CYS D 144 -7.86 23.07 -24.94
CA CYS D 144 -6.79 24.02 -25.29
C CYS D 144 -5.72 23.27 -26.08
N LEU D 145 -5.22 23.87 -27.16
CA LEU D 145 -4.07 23.35 -27.89
C LEU D 145 -2.90 24.31 -27.86
N ALA D 146 -1.75 23.83 -27.39
CA ALA D 146 -0.54 24.64 -27.43
C ALA D 146 0.34 23.98 -28.48
N THR D 147 0.76 24.74 -29.49
CA THR D 147 1.44 24.16 -30.66
C THR D 147 2.69 24.98 -31.06
N GLY D 148 3.60 24.32 -31.77
CA GLY D 148 4.76 24.95 -32.40
C GLY D 148 5.84 25.41 -31.44
N PHE D 149 5.88 24.89 -30.22
CA PHE D 149 6.92 25.35 -29.28
C PHE D 149 8.16 24.44 -29.25
N TYR D 150 9.32 25.06 -29.03
CA TYR D 150 10.58 24.36 -28.79
C TYR D 150 11.44 25.31 -27.91
N PRO D 151 12.01 24.79 -26.80
CA PRO D 151 11.97 23.39 -26.34
C PRO D 151 10.62 23.06 -25.70
N ASP D 152 10.45 21.80 -25.29
CA ASP D 152 9.20 21.38 -24.66
C ASP D 152 9.09 21.85 -23.22
N HIS D 153 9.44 23.10 -22.95
CA HIS D 153 9.48 23.59 -21.57
C HIS D 153 8.31 24.51 -21.32
N VAL D 154 7.17 23.93 -20.90
CA VAL D 154 5.92 24.68 -20.75
C VAL D 154 5.18 24.18 -19.54
N GLU D 155 4.33 25.05 -18.96
CA GLU D 155 3.38 24.67 -17.92
C GLU D 155 2.04 25.25 -18.31
N LEU D 156 1.03 24.39 -18.39
CA LEU D 156 -0.28 24.82 -18.86
C LEU D 156 -1.26 24.86 -17.67
N SER D 157 -2.05 25.92 -17.58
CA SER D 157 -3.04 26.04 -16.52
C SER D 157 -4.29 26.65 -17.07
N TRP D 158 -5.41 26.46 -16.38
CA TRP D 158 -6.69 27.04 -16.75
C TRP D 158 -7.11 28.02 -15.69
N TRP D 159 -7.64 29.13 -16.14
CA TRP D 159 -8.06 30.22 -15.25
C TRP D 159 -9.50 30.50 -15.59
N VAL D 160 -10.38 30.33 -14.61
CA VAL D 160 -11.81 30.56 -14.80
C VAL D 160 -12.19 31.79 -13.96
N ASN D 161 -12.75 32.81 -14.60
CA ASN D 161 -13.05 34.07 -13.95
C ASN D 161 -11.86 34.62 -13.14
N GLY D 162 -10.66 34.54 -13.71
CA GLY D 162 -9.52 35.17 -13.07
C GLY D 162 -8.86 34.33 -12.02
N LYS D 163 -9.30 33.07 -11.89
CA LYS D 163 -8.78 32.24 -10.82
C LYS D 163 -8.27 30.92 -11.38
N GLU D 164 -7.07 30.49 -10.99
CA GLU D 164 -6.61 29.17 -11.49
C GLU D 164 -7.47 28.03 -10.93
N VAL D 165 -7.82 27.05 -11.77
CA VAL D 165 -8.64 25.92 -11.32
C VAL D 165 -7.94 24.59 -11.64
N HIS D 166 -8.36 23.53 -10.95
CA HIS D 166 -7.80 22.17 -11.14
C HIS D 166 -8.92 21.14 -11.29
N SER D 167 -10.03 21.38 -10.63
CA SER D 167 -11.20 20.52 -10.72
C SER D 167 -11.67 20.52 -12.20
N GLY D 168 -11.83 19.34 -12.79
CA GLY D 168 -12.30 19.24 -14.17
C GLY D 168 -11.22 19.42 -15.23
N VAL D 169 -9.95 19.60 -14.82
CA VAL D 169 -8.83 19.77 -15.80
C VAL D 169 -8.18 18.39 -16.01
N SER D 170 -7.88 18.06 -17.26
CA SER D 170 -7.01 16.93 -17.54
C SER D 170 -6.12 17.28 -18.68
N THR D 171 -4.82 17.40 -18.39
CA THR D 171 -3.85 17.90 -19.34
C THR D 171 -3.01 16.72 -19.78
N ASP D 172 -2.59 16.70 -21.03
CA ASP D 172 -1.69 15.63 -21.52
C ASP D 172 -0.45 15.47 -20.63
N PRO D 173 -0.03 14.22 -20.37
CA PRO D 173 1.14 13.94 -19.50
C PRO D 173 2.38 14.71 -19.91
N GLN D 174 2.62 14.81 -21.22
CA GLN D 174 3.80 15.54 -21.70
C GLN D 174 3.63 16.06 -23.12
N PRO D 175 4.38 17.13 -23.48
CA PRO D 175 4.36 17.60 -24.84
C PRO D 175 4.85 16.52 -25.82
N LEU D 176 4.29 16.53 -27.03
CA LEU D 176 4.59 15.51 -28.01
C LEU D 176 5.20 16.19 -29.23
N LYS D 177 6.23 15.57 -29.82
CA LYS D 177 6.83 16.10 -31.04
C LYS D 177 5.82 16.10 -32.15
N GLU D 178 5.72 17.26 -32.82
CA GLU D 178 4.95 17.38 -34.05
C GLU D 178 5.56 16.59 -35.20
N GLN D 179 6.87 16.37 -35.16
CA GLN D 179 7.57 15.58 -36.17
C GLN D 179 8.59 14.64 -35.53
N PRO D 180 8.11 13.51 -34.97
CA PRO D 180 8.91 12.53 -34.22
C PRO D 180 10.28 12.19 -34.83
N ALA D 181 10.38 12.31 -36.16
CA ALA D 181 11.57 11.93 -36.92
C ALA D 181 12.68 13.00 -36.91
N LEU D 182 12.39 14.17 -36.34
CA LEU D 182 13.32 15.31 -36.32
C LEU D 182 13.81 15.65 -34.92
N ASN D 183 15.13 15.76 -34.75
CA ASN D 183 15.65 16.09 -33.41
C ASN D 183 15.23 17.50 -32.95
N ASP D 184 15.14 18.44 -33.89
CA ASP D 184 14.67 19.83 -33.61
C ASP D 184 13.15 20.05 -33.74
N SER D 185 12.39 18.96 -33.72
CA SER D 185 10.94 19.02 -33.89
C SER D 185 10.37 19.94 -32.83
N ARG D 186 9.37 20.73 -33.24
CA ARG D 186 8.59 21.51 -32.29
C ARG D 186 7.55 20.62 -31.68
N TYR D 187 6.86 21.10 -30.66
CA TYR D 187 6.00 20.27 -29.83
C TYR D 187 4.59 20.79 -29.77
N SER D 188 3.64 19.92 -29.44
CA SER D 188 2.28 20.36 -29.11
C SER D 188 1.90 19.78 -27.77
N LEU D 189 0.84 20.32 -27.16
CA LEU D 189 0.31 19.81 -25.90
C LEU D 189 -1.16 20.14 -25.92
N SER D 190 -2.02 19.23 -25.45
CA SER D 190 -3.43 19.59 -25.27
C SER D 190 -3.92 19.45 -23.84
N SER D 191 -5.06 20.07 -23.57
CA SER D 191 -5.66 19.96 -22.25
C SER D 191 -7.15 20.11 -22.39
N ARG D 192 -7.88 19.50 -21.48
CA ARG D 192 -9.32 19.64 -21.44
C ARG D 192 -9.74 20.20 -20.09
N LEU D 193 -10.77 21.06 -20.12
CA LEU D 193 -11.43 21.51 -18.93
C LEU D 193 -12.91 21.25 -19.09
N ARG D 194 -13.49 20.49 -18.15
CA ARG D 194 -14.90 20.21 -18.21
C ARG D 194 -15.68 20.97 -17.12
N VAL D 195 -16.76 21.63 -17.51
CA VAL D 195 -17.62 22.38 -16.57
C VAL D 195 -19.07 21.93 -16.83
N SER D 196 -20.00 22.35 -15.98
CA SER D 196 -21.36 22.00 -16.23
C SER D 196 -21.86 22.81 -17.42
N ALA D 197 -22.88 22.31 -18.10
CA ALA D 197 -23.50 23.07 -19.17
C ALA D 197 -23.96 24.47 -18.72
N THR D 198 -24.63 24.57 -17.57
CA THR D 198 -25.16 25.86 -17.09
C THR D 198 -24.03 26.89 -16.82
N PHE D 199 -22.84 26.40 -16.48
CA PHE D 199 -21.71 27.27 -16.21
C PHE D 199 -21.17 27.79 -17.54
N TRP D 200 -21.03 26.91 -18.52
CA TRP D 200 -20.63 27.35 -19.86
C TRP D 200 -21.66 28.29 -20.45
N GLN D 201 -22.94 28.05 -20.18
CA GLN D 201 -24.03 28.88 -20.71
C GLN D 201 -24.22 30.25 -20.06
N ASN D 202 -23.36 30.62 -19.13
CA ASN D 202 -23.43 31.97 -18.56
C ASN D 202 -22.39 32.85 -19.28
N PRO D 203 -22.83 33.86 -20.08
CA PRO D 203 -21.88 34.72 -20.81
C PRO D 203 -20.95 35.59 -19.92
N ARG D 204 -21.23 35.67 -18.62
CA ARG D 204 -20.35 36.39 -17.70
C ARG D 204 -19.09 35.59 -17.37
N ASN D 205 -19.15 34.27 -17.58
CA ASN D 205 -18.04 33.38 -17.29
C ASN D 205 -17.00 33.37 -18.41
N HIS D 206 -15.72 33.36 -18.04
CA HIS D 206 -14.68 33.31 -19.04
C HIS D 206 -13.61 32.30 -18.63
N PHE D 207 -12.99 31.67 -19.64
CA PHE D 207 -12.19 30.50 -19.44
C PHE D 207 -10.90 30.78 -20.20
N ARG D 208 -9.78 30.84 -19.51
CA ARG D 208 -8.53 31.16 -20.17
C ARG D 208 -7.55 30.02 -20.02
N CYS D 209 -7.03 29.55 -21.14
CA CYS D 209 -5.96 28.56 -21.12
C CYS D 209 -4.63 29.33 -21.16
N GLN D 210 -3.77 29.13 -20.16
CA GLN D 210 -2.49 29.81 -20.05
C GLN D 210 -1.32 28.84 -20.26
N VAL D 211 -0.40 29.18 -21.15
CA VAL D 211 0.81 28.38 -21.30
C VAL D 211 2.03 29.23 -20.93
N GLN D 212 2.71 28.82 -19.87
CA GLN D 212 3.95 29.47 -19.46
C GLN D 212 5.04 28.77 -20.22
N PHE D 213 5.73 29.52 -21.05
CA PHE D 213 6.83 29.03 -21.84
C PHE D 213 8.18 29.46 -21.21
N TYR D 214 9.15 28.56 -21.17
CA TYR D 214 10.48 28.89 -20.66
C TYR D 214 11.42 28.92 -21.81
N GLY D 215 11.96 30.11 -22.07
CA GLY D 215 12.73 30.32 -23.26
C GLY D 215 14.02 31.07 -22.99
N LEU D 216 14.33 31.99 -23.88
CA LEU D 216 15.60 32.66 -23.86
C LEU D 216 15.66 33.68 -22.74
N SER D 217 16.87 33.99 -22.31
CA SER D 217 17.07 34.99 -21.28
C SER D 217 17.69 36.22 -21.93
N GLU D 218 17.86 37.27 -21.12
CA GLU D 218 18.30 38.56 -21.65
C GLU D 218 19.76 38.47 -22.09
N ASN D 219 20.53 37.64 -21.39
CA ASN D 219 21.88 37.24 -21.79
C ASN D 219 22.00 36.61 -23.19
N ASP D 220 20.97 35.88 -23.63
CA ASP D 220 21.04 35.21 -24.93
C ASP D 220 21.04 36.21 -26.10
N GLU D 221 21.94 35.99 -27.06
CA GLU D 221 22.02 36.83 -28.25
C GLU D 221 20.90 36.49 -29.23
N TRP D 222 20.40 37.50 -29.94
CA TRP D 222 19.31 37.25 -30.86
C TRP D 222 19.41 38.09 -32.12
N THR D 223 19.62 37.41 -33.25
CA THR D 223 19.81 38.10 -34.54
C THR D 223 18.68 37.90 -35.58
N GLN D 224 17.73 37.02 -35.30
CA GLN D 224 16.61 36.78 -36.22
C GLN D 224 15.68 38.00 -36.34
N ASP D 225 15.03 38.12 -37.51
CA ASP D 225 14.04 39.18 -37.76
C ASP D 225 12.87 39.12 -36.77
N ARG D 226 12.39 37.89 -36.50
CA ARG D 226 11.21 37.64 -35.65
C ARG D 226 11.45 37.96 -34.17
N ALA D 227 10.39 38.03 -33.37
CA ALA D 227 10.54 38.35 -31.94
C ALA D 227 11.42 37.33 -31.15
N LYS D 228 12.27 37.83 -30.24
CA LYS D 228 13.05 36.96 -29.35
C LYS D 228 12.14 36.08 -28.50
N PRO D 229 12.30 34.74 -28.57
CA PRO D 229 11.40 33.83 -27.82
C PRO D 229 11.80 33.69 -26.36
N VAL D 230 11.62 34.77 -25.60
CA VAL D 230 12.01 34.81 -24.21
C VAL D 230 10.92 34.14 -23.41
N THR D 231 11.21 33.87 -22.13
CA THR D 231 10.22 33.34 -21.20
C THR D 231 8.99 34.25 -21.15
N GLN D 232 7.80 33.64 -21.23
CA GLN D 232 6.58 34.43 -21.47
C GLN D 232 5.37 33.55 -21.30
N ILE D 233 4.21 34.18 -21.17
CA ILE D 233 2.97 33.43 -21.10
C ILE D 233 2.19 33.72 -22.40
N VAL D 234 1.50 32.70 -22.90
CA VAL D 234 0.69 32.87 -24.10
C VAL D 234 -0.64 32.22 -23.74
N SER D 235 -1.71 32.99 -23.87
CA SER D 235 -3.04 32.54 -23.49
C SER D 235 -4.04 32.54 -24.66
N ALA D 236 -5.13 31.77 -24.50
CA ALA D 236 -6.31 31.95 -25.34
C ALA D 236 -7.46 31.93 -24.37
N GLU D 237 -8.53 32.66 -24.66
CA GLU D 237 -9.63 32.82 -23.72
C GLU D 237 -10.96 32.70 -24.46
N ALA D 238 -11.93 32.00 -23.89
CA ALA D 238 -13.28 31.94 -24.48
C ALA D 238 -14.30 32.39 -23.44
N TRP D 239 -15.39 33.01 -23.89
CA TRP D 239 -16.46 33.48 -23.00
C TRP D 239 -17.67 32.58 -23.14
N GLY D 240 -18.42 32.42 -22.06
CA GLY D 240 -19.62 31.58 -22.06
C GLY D 240 -20.67 32.05 -23.05
N ARG D 241 -21.59 31.16 -23.41
CA ARG D 241 -22.59 31.50 -24.41
C ARG D 241 -23.93 30.85 -24.09
N SER D 242 -24.97 31.68 -24.06
CA SER D 242 -26.36 31.23 -24.05
C SER D 242 -26.53 30.29 -25.23
C1 GOL E . 9.62 -10.85 6.40
O1 GOL E . 10.82 -11.43 5.94
C2 GOL E . 8.65 -11.94 6.88
O2 GOL E . 8.73 -13.07 6.04
C3 GOL E . 7.21 -11.43 6.87
O3 GOL E . 7.08 -10.39 7.79
C URE F . -11.83 -19.89 23.30
O URE F . -12.37 -21.00 23.25
N1 URE F . -11.76 -19.06 22.24
N2 URE F . -11.33 -19.45 24.44
C1 GOL G . -3.36 19.30 -13.73
O1 GOL G . -3.45 17.95 -13.32
C2 GOL G . -4.03 20.22 -12.69
O2 GOL G . -5.12 19.49 -12.20
C3 GOL G . -4.55 21.49 -13.36
O3 GOL G . -3.63 22.14 -14.24
C URE H . 14.00 18.40 -21.91
O URE H . 12.79 18.48 -21.58
N1 URE H . 14.50 17.26 -22.35
N2 URE H . 14.87 19.42 -21.87
C URE I . 6.31 29.61 -37.38
O URE I . 7.16 29.17 -38.16
N1 URE I . 6.61 30.54 -36.47
N2 URE I . 5.03 29.17 -37.41
N ARG J . 10.27 33.96 -13.17
CA ARG J . 10.00 33.14 -14.40
C ARG J . 8.55 32.71 -14.52
O ARG J . 7.73 32.96 -13.64
CB ARG J . 10.93 31.93 -14.48
CG ARG J . 10.77 30.93 -13.34
CD ARG J . 11.24 29.57 -13.79
NE ARG J . 12.10 28.94 -12.78
CZ ARG J . 13.22 28.28 -13.05
NH1 ARG J . 13.65 28.13 -14.31
NH2 ARG J . 13.91 27.77 -12.03
#